data_1USQ
#
_entry.id   1USQ
#
_cell.length_a   118.969
_cell.length_b   118.969
_cell.length_c   57.416
_cell.angle_alpha   90.00
_cell.angle_beta   90.00
_cell.angle_gamma   120.00
#
_symmetry.space_group_name_H-M   'P 3'
#
loop_
_entity.id
_entity.type
_entity.pdbx_description
1 polymer 'DR HEMAGGLUTININ STRUCTURAL SUBUNIT'
2 non-polymer 'SULFATE ION'
3 non-polymer 1,2-ETHANEDIOL
4 non-polymer CHLORAMPHENICOL
5 water water
#
_entity_poly.entity_id   1
_entity_poly.type   'polypeptide(L)'
_entity_poly.pdbx_seq_one_letter_code
;RGSHHHHHHGSFTPSGTTGTTKLTVTEKCQVRVGDLTVAKTRGQLTDAAPIGPVTVQALGCDARQVALKADTDNFEQGKF
FLISDNNRDKLYVNIRPTDNSAWTTDNGVFYKNDVGSWGGIIGIYVDGQQTNTPPGNYTLTLTGGYWAK
;
_entity_poly.pdbx_strand_id   A,B,C,D,E,F
#
# COMPACT_ATOMS: atom_id res chain seq x y z
N GLY A 10 -22.70 17.74 15.73
CA GLY A 10 -22.24 17.28 14.42
C GLY A 10 -21.08 16.31 14.54
N SER A 11 -21.31 15.17 15.17
CA SER A 11 -20.28 14.15 15.31
C SER A 11 -20.79 12.71 15.16
N PHE A 12 -20.14 11.95 14.28
CA PHE A 12 -20.47 10.55 14.07
C PHE A 12 -19.61 9.66 14.96
N THR A 13 -20.25 8.74 15.65
CA THR A 13 -19.53 7.77 16.49
C THR A 13 -19.69 6.40 15.80
N PRO A 14 -18.59 5.82 15.28
CA PRO A 14 -18.68 4.51 14.64
C PRO A 14 -19.12 3.48 15.68
N SER A 15 -20.18 2.74 15.37
CA SER A 15 -20.69 1.73 16.29
C SER A 15 -21.69 0.85 15.56
N GLY A 16 -21.18 -0.19 14.91
CA GLY A 16 -22.01 -1.05 14.10
C GLY A 16 -21.13 -1.71 13.04
N THR A 17 -21.77 -2.38 12.09
CA THR A 17 -21.05 -3.08 11.04
C THR A 17 -21.05 -2.32 9.70
N THR A 18 -20.40 -2.90 8.71
CA THR A 18 -20.20 -2.24 7.43
C THR A 18 -20.93 -2.95 6.28
N GLY A 19 -21.60 -2.14 5.47
CA GLY A 19 -22.29 -2.65 4.29
C GLY A 19 -21.55 -2.13 3.07
N THR A 20 -21.27 -3.03 2.14
CA THR A 20 -20.54 -2.64 0.94
C THR A 20 -21.43 -2.83 -0.29
N THR A 21 -21.70 -1.73 -1.00
CA THR A 21 -22.49 -1.76 -2.21
C THR A 21 -21.54 -1.81 -3.39
N LYS A 22 -21.65 -2.86 -4.21
CA LYS A 22 -20.75 -3.05 -5.35
C LYS A 22 -21.50 -3.13 -6.66
N LEU A 23 -20.91 -2.55 -7.68
CA LEU A 23 -21.51 -2.57 -9.00
C LEU A 23 -20.41 -2.63 -10.05
N THR A 24 -20.55 -3.56 -10.99
CA THR A 24 -19.62 -3.60 -12.09
C THR A 24 -20.33 -3.02 -13.31
N VAL A 25 -19.73 -1.97 -13.87
CA VAL A 25 -20.29 -1.30 -15.04
C VAL A 25 -19.58 -1.86 -16.28
N THR A 26 -20.34 -2.09 -17.35
CA THR A 26 -19.79 -2.68 -18.56
C THR A 26 -20.31 -1.95 -19.78
N GLU A 27 -19.89 -2.42 -20.96
CA GLU A 27 -20.42 -1.93 -22.23
C GLU A 27 -21.63 -2.81 -22.56
N LYS A 28 -22.21 -2.59 -23.74
CA LYS A 28 -23.33 -3.40 -24.21
C LYS A 28 -22.92 -4.87 -24.36
N CYS A 29 -21.72 -5.12 -24.89
CA CYS A 29 -21.19 -6.49 -24.95
C CYS A 29 -20.55 -6.74 -23.59
N GLN A 30 -21.21 -7.59 -22.81
CA GLN A 30 -20.92 -7.80 -21.40
C GLN A 30 -20.57 -9.26 -21.14
N VAL A 31 -19.38 -9.49 -20.59
CA VAL A 31 -18.91 -10.85 -20.34
C VAL A 31 -18.79 -11.19 -18.84
N ARG A 32 -19.78 -11.92 -18.33
CA ARG A 32 -19.84 -12.28 -16.93
C ARG A 32 -19.00 -13.51 -16.69
N VAL A 33 -18.04 -13.40 -15.80
CA VAL A 33 -17.07 -14.44 -15.49
C VAL A 33 -17.20 -14.82 -14.01
N GLY A 34 -17.40 -16.09 -13.75
CA GLY A 34 -17.58 -16.56 -12.39
C GLY A 34 -18.99 -16.28 -11.85
N ASP A 35 -19.12 -16.32 -10.52
CA ASP A 35 -20.40 -16.21 -9.87
C ASP A 35 -21.12 -14.90 -10.15
N LEU A 36 -22.43 -14.93 -10.03
CA LEU A 36 -23.25 -13.74 -10.24
C LEU A 36 -22.88 -12.60 -9.29
N THR A 37 -22.74 -11.41 -9.84
CA THR A 37 -22.53 -10.21 -9.04
C THR A 37 -23.42 -9.16 -9.69
N VAL A 38 -23.57 -8.01 -9.05
CA VAL A 38 -24.38 -6.95 -9.60
C VAL A 38 -23.62 -6.24 -10.72
N ALA A 39 -24.19 -6.26 -11.90
CA ALA A 39 -23.55 -5.68 -13.07
C ALA A 39 -24.59 -4.99 -13.93
N LYS A 40 -24.20 -3.86 -14.52
CA LYS A 40 -25.07 -3.14 -15.44
C LYS A 40 -24.22 -2.58 -16.57
N THR A 41 -24.83 -2.42 -17.74
CA THR A 41 -24.18 -1.74 -18.85
C THR A 41 -24.25 -0.25 -18.52
N ARG A 42 -23.37 0.56 -19.09
CA ARG A 42 -23.41 1.99 -18.75
C ARG A 42 -24.72 2.62 -19.22
N GLY A 43 -25.31 2.04 -20.26
CA GLY A 43 -26.58 2.51 -20.78
C GLY A 43 -27.72 2.34 -19.77
N GLN A 44 -27.53 1.46 -18.78
CA GLN A 44 -28.55 1.25 -17.74
C GLN A 44 -28.42 2.22 -16.57
N LEU A 45 -27.39 3.05 -16.60
CA LEU A 45 -27.14 3.99 -15.51
C LEU A 45 -27.94 5.27 -15.70
N THR A 46 -29.25 5.11 -15.83
CA THR A 46 -30.15 6.22 -16.02
C THR A 46 -30.52 6.86 -14.68
N ASP A 47 -31.11 8.05 -14.74
CA ASP A 47 -31.45 8.78 -13.52
C ASP A 47 -32.42 7.99 -12.65
N ALA A 48 -32.11 7.92 -11.36
CA ALA A 48 -32.92 7.18 -10.37
C ALA A 48 -32.87 5.65 -10.49
N ALA A 49 -32.02 5.12 -11.37
CA ALA A 49 -31.88 3.68 -11.49
C ALA A 49 -31.42 3.08 -10.15
N PRO A 50 -32.12 2.07 -9.68
CA PRO A 50 -31.74 1.42 -8.43
C PRO A 50 -30.43 0.64 -8.61
N ILE A 51 -29.51 0.82 -7.66
CA ILE A 51 -28.28 0.03 -7.67
C ILE A 51 -28.48 -1.16 -6.75
N GLY A 52 -29.10 -0.92 -5.60
CA GLY A 52 -29.41 -2.04 -4.69
C GLY A 52 -29.75 -1.53 -3.30
N PRO A 53 -30.35 -2.40 -2.50
CA PRO A 53 -30.75 -2.04 -1.14
C PRO A 53 -29.60 -2.26 -0.14
N VAL A 54 -29.67 -1.54 0.98
CA VAL A 54 -28.73 -1.72 2.07
C VAL A 54 -29.57 -1.91 3.34
N THR A 55 -29.44 -3.06 4.00
CA THR A 55 -30.22 -3.28 5.20
C THR A 55 -29.57 -2.60 6.38
N VAL A 56 -30.43 -2.12 7.29
CA VAL A 56 -29.97 -1.47 8.50
C VAL A 56 -30.84 -1.97 9.62
N GLN A 57 -30.20 -2.41 10.69
CA GLN A 57 -30.90 -2.92 11.85
C GLN A 57 -30.16 -2.39 13.08
N ALA A 58 -30.77 -1.45 13.78
CA ALA A 58 -30.18 -0.87 14.98
C ALA A 58 -30.73 -1.52 16.24
N LEU A 59 -29.87 -1.62 17.25
CA LEU A 59 -30.22 -2.19 18.55
C LEU A 59 -29.57 -1.32 19.64
N GLY A 60 -30.33 -1.03 20.69
CA GLY A 60 -29.82 -0.25 21.83
C GLY A 60 -29.68 1.23 21.53
N CYS A 61 -30.43 1.72 20.54
CA CYS A 61 -30.36 3.14 20.13
C CYS A 61 -31.64 3.95 20.43
N ASP A 62 -32.35 3.58 21.48
CA ASP A 62 -33.56 4.29 21.85
C ASP A 62 -33.31 5.78 22.09
N ALA A 63 -32.09 6.13 22.53
CA ALA A 63 -31.75 7.53 22.82
C ALA A 63 -30.66 8.12 21.93
N ARG A 64 -30.46 7.55 20.74
CA ARG A 64 -29.45 8.07 19.82
C ARG A 64 -30.00 8.11 18.41
N GLN A 65 -29.40 8.97 17.58
CA GLN A 65 -29.79 9.06 16.17
C GLN A 65 -28.95 8.09 15.34
N VAL A 66 -29.60 7.07 14.79
CA VAL A 66 -28.92 6.10 13.94
C VAL A 66 -28.27 6.82 12.77
N ALA A 67 -27.12 6.33 12.35
CA ALA A 67 -26.38 6.97 11.26
C ALA A 67 -25.51 6.00 10.46
N LEU A 68 -25.23 6.38 9.23
CA LEU A 68 -24.34 5.65 8.36
C LEU A 68 -23.30 6.63 7.85
N LYS A 69 -22.03 6.27 7.97
CA LYS A 69 -20.97 7.10 7.44
C LYS A 69 -20.32 6.44 6.22
N ALA A 70 -20.21 7.19 5.13
CA ALA A 70 -19.56 6.69 3.91
C ALA A 70 -18.04 6.83 4.07
N ASP A 71 -17.29 5.89 3.50
CA ASP A 71 -15.83 5.98 3.50
C ASP A 71 -15.44 7.33 2.89
N THR A 72 -14.30 7.85 3.31
CA THR A 72 -13.79 9.13 2.79
C THR A 72 -13.77 9.20 1.27
N ASP A 73 -13.37 8.10 0.64
CA ASP A 73 -13.28 8.05 -0.82
C ASP A 73 -14.64 8.03 -1.54
N ASN A 74 -15.74 8.04 -0.78
CA ASN A 74 -17.09 7.94 -1.36
C ASN A 74 -17.94 9.21 -1.23
N PHE A 75 -17.34 10.30 -0.75
CA PHE A 75 -18.09 11.53 -0.60
C PHE A 75 -17.23 12.79 -0.76
N GLU A 76 -17.89 13.87 -1.20
CA GLU A 76 -17.24 15.16 -1.36
C GLU A 76 -18.30 16.19 -1.66
N GLN A 77 -18.29 17.30 -0.94
CA GLN A 77 -19.17 18.41 -1.30
C GLN A 77 -20.67 18.05 -1.14
N GLY A 78 -20.99 17.35 -0.05
CA GLY A 78 -22.38 16.98 0.23
C GLY A 78 -22.94 15.94 -0.76
N LYS A 79 -22.08 15.42 -1.63
CA LYS A 79 -22.49 14.37 -2.58
C LYS A 79 -21.85 13.03 -2.27
N PHE A 80 -22.63 11.95 -2.44
CA PHE A 80 -22.12 10.57 -2.27
C PHE A 80 -21.86 9.97 -3.67
N PHE A 81 -20.94 9.02 -3.75
CA PHE A 81 -20.70 8.33 -5.03
C PHE A 81 -19.98 7.01 -4.80
N LEU A 82 -20.27 6.04 -5.67
CA LEU A 82 -19.49 4.82 -5.71
C LEU A 82 -18.18 5.23 -6.37
N ILE A 83 -17.11 4.55 -6.03
CA ILE A 83 -15.81 4.88 -6.58
C ILE A 83 -15.18 3.63 -7.21
N SER A 84 -14.55 3.82 -8.36
CA SER A 84 -13.89 2.75 -9.08
C SER A 84 -12.74 2.18 -8.26
N ASP A 85 -12.31 0.97 -8.62
CA ASP A 85 -11.23 0.29 -7.91
C ASP A 85 -9.97 1.14 -7.85
N ASN A 86 -9.69 1.86 -8.94
CA ASN A 86 -8.48 2.70 -8.99
C ASN A 86 -8.62 4.09 -8.34
N ASN A 87 -9.80 4.33 -7.75
CA ASN A 87 -10.09 5.58 -7.02
C ASN A 87 -10.30 6.78 -7.90
N ARG A 88 -10.34 6.56 -9.20
CA ARG A 88 -10.43 7.67 -10.14
C ARG A 88 -11.82 8.07 -10.55
N ASP A 89 -12.67 7.08 -10.85
CA ASP A 89 -13.99 7.35 -11.42
C ASP A 89 -15.18 7.32 -10.47
N LYS A 90 -16.03 8.33 -10.55
CA LYS A 90 -17.19 8.44 -9.67
C LYS A 90 -18.51 8.07 -10.33
N LEU A 91 -19.40 7.51 -9.53
CA LEU A 91 -20.76 7.25 -9.96
C LEU A 91 -21.62 7.84 -8.86
N TYR A 92 -22.14 9.02 -9.11
CA TYR A 92 -22.94 9.74 -8.14
C TYR A 92 -24.24 9.03 -7.84
N VAL A 93 -24.55 8.91 -6.56
CA VAL A 93 -25.78 8.25 -6.14
C VAL A 93 -26.54 9.07 -5.12
N ASN A 94 -27.83 8.73 -4.98
CA ASN A 94 -28.68 9.26 -3.94
C ASN A 94 -28.93 8.09 -3.00
N ILE A 95 -28.98 8.40 -1.71
CA ILE A 95 -29.21 7.42 -0.66
C ILE A 95 -30.52 7.82 0.03
N ARG A 96 -31.47 6.89 0.08
CA ARG A 96 -32.80 7.21 0.58
C ARG A 96 -33.48 5.98 1.23
N PRO A 97 -33.97 6.14 2.46
CA PRO A 97 -34.68 5.04 3.12
C PRO A 97 -35.96 4.78 2.34
N THR A 98 -36.34 3.53 2.24
CA THR A 98 -37.54 3.17 1.47
C THR A 98 -38.81 3.61 2.17
N ASP A 99 -38.71 3.86 3.48
CA ASP A 99 -39.88 4.29 4.23
C ASP A 99 -40.02 5.81 4.23
N ASN A 100 -40.94 6.34 5.03
CA ASN A 100 -41.17 7.78 5.06
C ASN A 100 -40.38 8.53 6.13
N SER A 101 -39.33 7.91 6.66
CA SER A 101 -38.55 8.55 7.73
C SER A 101 -37.67 9.68 7.23
N ALA A 102 -37.44 10.65 8.10
CA ALA A 102 -36.64 11.82 7.76
C ALA A 102 -35.19 11.67 8.21
N TRP A 103 -34.27 11.94 7.29
CA TRP A 103 -32.83 11.86 7.53
C TRP A 103 -32.17 13.15 7.05
N THR A 104 -30.91 13.33 7.45
CA THR A 104 -30.10 14.50 7.10
C THR A 104 -28.70 14.07 6.67
N THR A 105 -28.12 14.80 5.71
CA THR A 105 -26.76 14.53 5.23
C THR A 105 -25.84 15.57 5.84
N ASP A 106 -24.72 15.12 6.40
CA ASP A 106 -23.73 16.04 6.96
C ASP A 106 -22.31 15.53 6.75
N ASN A 107 -21.65 16.04 5.72
CA ASN A 107 -20.26 15.70 5.44
C ASN A 107 -19.96 14.20 5.48
N GLY A 108 -20.57 13.45 4.56
CA GLY A 108 -20.30 12.01 4.44
C GLY A 108 -21.15 11.16 5.39
N VAL A 109 -21.90 11.83 6.26
CA VAL A 109 -22.77 11.15 7.21
C VAL A 109 -24.24 11.32 6.85
N PHE A 110 -24.97 10.21 6.85
CA PHE A 110 -26.40 10.22 6.56
C PHE A 110 -27.12 9.75 7.81
N TYR A 111 -27.66 10.68 8.58
CA TYR A 111 -28.26 10.33 9.88
C TYR A 111 -29.78 10.55 9.99
N LYS A 112 -30.40 9.79 10.89
CA LYS A 112 -31.83 9.88 11.09
C LYS A 112 -32.14 11.09 11.95
N ASN A 113 -33.22 11.81 11.64
CA ASN A 113 -33.58 13.04 12.35
C ASN A 113 -34.03 12.79 13.78
N ASP A 114 -34.69 11.67 14.02
CA ASP A 114 -35.18 11.30 15.34
C ASP A 114 -34.34 10.17 15.96
N VAL A 115 -34.31 10.12 17.29
CA VAL A 115 -33.65 9.02 17.99
C VAL A 115 -34.54 7.78 17.86
N GLY A 116 -33.97 6.60 18.13
CA GLY A 116 -34.72 5.37 18.02
C GLY A 116 -33.87 4.26 17.40
N SER A 117 -34.17 3.02 17.78
CA SER A 117 -33.49 1.87 17.22
C SER A 117 -34.18 1.47 15.91
N TRP A 118 -33.94 2.28 14.89
CA TRP A 118 -34.54 2.07 13.57
C TRP A 118 -34.00 0.81 12.86
N GLY A 119 -34.88 0.16 12.13
CA GLY A 119 -34.47 -0.90 11.23
C GLY A 119 -35.18 -0.54 9.94
N GLY A 120 -34.52 -0.74 8.80
CA GLY A 120 -35.15 -0.44 7.53
C GLY A 120 -34.20 -0.68 6.39
N ILE A 121 -34.65 -0.34 5.19
CA ILE A 121 -33.88 -0.50 3.98
C ILE A 121 -33.48 0.88 3.48
N ILE A 122 -32.20 1.04 3.14
CA ILE A 122 -31.72 2.27 2.53
C ILE A 122 -31.45 1.94 1.07
N GLY A 123 -32.10 2.63 0.16
CA GLY A 123 -31.87 2.38 -1.24
C GLY A 123 -30.74 3.24 -1.81
N ILE A 124 -30.00 2.66 -2.74
CA ILE A 124 -28.93 3.38 -3.43
C ILE A 124 -29.36 3.51 -4.87
N TYR A 125 -29.46 4.75 -5.34
CA TYR A 125 -29.95 5.05 -6.68
C TYR A 125 -28.98 5.93 -7.46
N VAL A 126 -28.90 5.70 -8.77
CA VAL A 126 -28.09 6.55 -9.64
C VAL A 126 -28.62 8.00 -9.57
N ASP A 127 -27.73 8.97 -9.35
CA ASP A 127 -28.13 10.38 -9.25
C ASP A 127 -27.72 11.13 -10.53
N GLY A 128 -28.67 11.30 -11.45
CA GLY A 128 -28.39 11.93 -12.74
C GLY A 128 -27.92 10.84 -13.69
N GLN A 129 -28.38 10.88 -14.94
CA GLN A 129 -27.96 9.86 -15.91
C GLN A 129 -26.45 9.93 -16.09
N GLN A 130 -25.80 8.77 -15.99
CA GLN A 130 -24.36 8.70 -16.09
C GLN A 130 -23.98 7.57 -17.03
N THR A 131 -24.56 7.61 -18.22
CA THR A 131 -24.43 6.54 -19.21
C THR A 131 -23.08 6.52 -19.89
N ASN A 132 -22.22 7.49 -19.57
CA ASN A 132 -20.87 7.52 -20.10
C ASN A 132 -19.86 7.02 -19.06
N THR A 133 -20.35 6.43 -17.98
CA THR A 133 -19.46 5.93 -16.93
C THR A 133 -18.49 4.88 -17.51
N PRO A 134 -17.20 5.03 -17.21
CA PRO A 134 -16.20 4.08 -17.70
C PRO A 134 -16.43 2.69 -17.07
N PRO A 135 -16.29 1.64 -17.89
CA PRO A 135 -16.48 0.29 -17.37
C PRO A 135 -15.45 0.01 -16.28
N GLY A 136 -15.89 -0.59 -15.19
CA GLY A 136 -15.00 -0.91 -14.07
C GLY A 136 -15.83 -1.41 -12.91
N ASN A 137 -15.16 -1.61 -11.77
CA ASN A 137 -15.81 -2.06 -10.54
C ASN A 137 -15.91 -0.88 -9.61
N TYR A 138 -17.14 -0.64 -9.14
CA TYR A 138 -17.46 0.53 -8.34
C TYR A 138 -17.96 0.07 -6.98
N THR A 139 -17.56 0.79 -5.94
CA THR A 139 -17.93 0.43 -4.57
C THR A 139 -18.35 1.64 -3.73
N LEU A 140 -19.33 1.42 -2.85
CA LEU A 140 -19.73 2.41 -1.86
C LEU A 140 -19.75 1.67 -0.53
N THR A 141 -19.00 2.19 0.43
CA THR A 141 -18.91 1.56 1.74
C THR A 141 -19.55 2.44 2.80
N LEU A 142 -20.46 1.85 3.56
CA LEU A 142 -21.21 2.59 4.58
C LEU A 142 -21.07 1.88 5.93
N THR A 143 -20.65 2.62 6.94
CA THR A 143 -20.45 2.06 8.29
C THR A 143 -21.51 2.55 9.27
N GLY A 144 -22.04 1.62 10.07
CA GLY A 144 -23.08 1.96 11.05
C GLY A 144 -22.54 2.66 12.30
N GLY A 145 -23.38 3.53 12.87
CA GLY A 145 -23.00 4.23 14.09
C GLY A 145 -24.12 5.18 14.49
N TYR A 146 -23.78 6.22 15.24
CA TYR A 146 -24.80 7.18 15.65
C TYR A 146 -24.29 8.61 15.63
N TRP A 147 -25.20 9.56 15.44
CA TRP A 147 -24.83 10.95 15.28
C TRP A 147 -25.32 11.81 16.43
N ALA A 148 -24.79 13.03 16.50
CA ALA A 148 -25.18 13.98 17.55
C ALA A 148 -24.64 15.37 17.26
N GLY B 10 -20.90 19.47 -20.72
CA GLY B 10 -22.07 20.34 -20.50
C GLY B 10 -22.21 21.43 -21.55
N SER B 11 -22.96 21.13 -22.61
CA SER B 11 -23.28 22.13 -23.64
C SER B 11 -24.56 21.79 -24.42
N PHE B 12 -25.27 22.83 -24.82
CA PHE B 12 -26.55 22.71 -25.53
C PHE B 12 -26.35 22.64 -27.03
N THR B 13 -27.02 21.67 -27.66
CA THR B 13 -27.00 21.52 -29.11
C THR B 13 -28.42 21.81 -29.59
N PRO B 14 -28.61 22.92 -30.32
CA PRO B 14 -29.94 23.24 -30.84
C PRO B 14 -30.37 22.16 -31.81
N SER B 15 -31.59 21.63 -31.60
CA SER B 15 -32.10 20.56 -32.43
C SER B 15 -33.56 20.38 -32.12
N GLY B 16 -34.40 21.20 -32.71
CA GLY B 16 -35.84 21.11 -32.46
C GLY B 16 -36.46 22.43 -32.86
N THR B 17 -37.69 22.65 -32.44
CA THR B 17 -38.42 23.84 -32.82
C THR B 17 -38.54 24.76 -31.63
N THR B 18 -39.15 25.91 -31.85
CA THR B 18 -39.25 26.97 -30.85
C THR B 18 -40.67 27.21 -30.36
N GLY B 19 -40.80 27.35 -29.05
CA GLY B 19 -42.09 27.67 -28.42
C GLY B 19 -41.97 29.09 -27.86
N THR B 20 -42.97 29.92 -28.14
CA THR B 20 -42.94 31.32 -27.71
C THR B 20 -44.08 31.60 -26.73
N THR B 21 -43.72 31.97 -25.52
CA THR B 21 -44.72 32.29 -24.50
C THR B 21 -44.89 33.81 -24.48
N LYS B 22 -46.13 34.25 -24.70
CA LYS B 22 -46.41 35.68 -24.80
C LYS B 22 -47.46 36.08 -23.79
N LEU B 23 -47.28 37.24 -23.18
CA LEU B 23 -48.23 37.72 -22.21
C LEU B 23 -48.32 39.25 -22.30
N THR B 24 -49.54 39.76 -22.38
CA THR B 24 -49.71 41.20 -22.36
C THR B 24 -50.21 41.57 -20.97
N VAL B 25 -49.45 42.43 -20.30
CA VAL B 25 -49.77 42.91 -18.95
C VAL B 25 -50.48 44.25 -19.08
N THR B 26 -51.55 44.46 -18.33
CA THR B 26 -52.35 45.69 -18.45
C THR B 26 -52.64 46.25 -17.06
N GLU B 27 -53.34 47.36 -17.01
CA GLU B 27 -53.85 47.88 -15.75
C GLU B 27 -55.24 47.28 -15.59
N LYS B 28 -55.96 47.66 -14.52
CA LYS B 28 -57.29 47.13 -14.29
C LYS B 28 -58.25 47.43 -15.45
N CYS B 29 -58.20 48.67 -15.94
CA CYS B 29 -59.01 49.05 -17.11
C CYS B 29 -58.22 48.54 -18.29
N GLN B 30 -58.68 47.42 -18.83
CA GLN B 30 -57.96 46.62 -19.80
C GLN B 30 -58.75 46.64 -21.12
N VAL B 31 -58.10 46.97 -22.22
CA VAL B 31 -58.82 47.09 -23.49
C VAL B 31 -58.30 46.13 -24.54
N ARG B 32 -59.04 45.05 -24.73
CA ARG B 32 -58.64 43.97 -25.63
C ARG B 32 -59.05 44.29 -27.07
N VAL B 33 -58.06 44.46 -27.94
CA VAL B 33 -58.29 44.83 -29.34
C VAL B 33 -57.93 43.66 -30.25
N GLY B 34 -58.83 43.28 -31.15
CA GLY B 34 -58.59 42.15 -32.03
C GLY B 34 -58.72 40.78 -31.34
N ASP B 35 -58.15 39.76 -31.97
CA ASP B 35 -58.30 38.40 -31.51
C ASP B 35 -57.78 38.16 -30.10
N LEU B 36 -58.37 37.18 -29.44
CA LEU B 36 -57.99 36.81 -28.10
C LEU B 36 -56.52 36.46 -28.00
N THR B 37 -55.85 37.02 -26.99
CA THR B 37 -54.47 36.64 -26.67
C THR B 37 -54.38 36.54 -25.16
N VAL B 38 -53.28 36.02 -24.66
CA VAL B 38 -53.09 35.88 -23.20
C VAL B 38 -52.73 37.24 -22.60
N ALA B 39 -53.62 37.73 -21.75
CA ALA B 39 -53.47 39.04 -21.15
C ALA B 39 -53.82 38.96 -19.67
N LYS B 40 -53.10 39.71 -18.85
CA LYS B 40 -53.37 39.76 -17.41
C LYS B 40 -53.19 41.17 -16.89
N THR B 41 -53.91 41.54 -15.85
CA THR B 41 -53.68 42.82 -15.21
C THR B 41 -52.43 42.62 -14.36
N ARG B 42 -51.72 43.68 -14.03
CA ARG B 42 -50.52 43.52 -13.21
C ARG B 42 -50.84 42.95 -11.83
N GLY B 43 -52.06 43.21 -11.35
CA GLY B 43 -52.51 42.69 -10.06
C GLY B 43 -52.60 41.15 -10.05
N GLN B 44 -52.67 40.55 -11.24
CA GLN B 44 -52.78 39.09 -11.35
C GLN B 44 -51.42 38.39 -11.32
N LEU B 45 -50.35 39.17 -11.38
CA LEU B 45 -49.01 38.63 -11.43
C LEU B 45 -48.49 38.34 -10.04
N THR B 46 -49.19 37.47 -9.32
CA THR B 46 -48.78 37.11 -7.96
C THR B 46 -47.84 35.92 -8.04
N ASP B 47 -47.12 35.66 -6.96
CA ASP B 47 -46.18 34.53 -6.89
C ASP B 47 -46.84 33.20 -7.26
N ALA B 48 -46.20 32.46 -8.17
CA ALA B 48 -46.70 31.15 -8.61
C ALA B 48 -47.88 31.19 -9.60
N ALA B 49 -48.31 32.39 -9.98
CA ALA B 49 -49.40 32.54 -10.95
C ALA B 49 -49.02 31.88 -12.27
N PRO B 50 -49.92 31.08 -12.83
CA PRO B 50 -49.61 30.39 -14.09
C PRO B 50 -49.68 31.35 -15.24
N ILE B 51 -48.67 31.31 -16.12
CA ILE B 51 -48.70 32.11 -17.32
C ILE B 51 -49.20 31.28 -18.48
N GLY B 52 -48.72 30.04 -18.57
CA GLY B 52 -49.20 29.14 -19.63
C GLY B 52 -48.31 27.90 -19.81
N PRO B 53 -48.85 26.89 -20.48
CA PRO B 53 -48.11 25.67 -20.73
C PRO B 53 -47.28 25.76 -22.04
N VAL B 54 -46.21 24.97 -22.09
CA VAL B 54 -45.37 24.84 -23.25
C VAL B 54 -45.24 23.34 -23.53
N THR B 55 -45.76 22.86 -24.65
CA THR B 55 -45.65 21.45 -24.96
C THR B 55 -44.25 21.10 -25.40
N VAL B 56 -43.83 19.88 -25.07
CA VAL B 56 -42.54 19.36 -25.49
C VAL B 56 -42.73 17.93 -25.95
N GLN B 57 -42.24 17.63 -27.15
CA GLN B 57 -42.34 16.28 -27.72
C GLN B 57 -41.02 15.95 -28.39
N ALA B 58 -40.24 15.09 -27.75
CA ALA B 58 -38.95 14.68 -28.26
C ALA B 58 -39.06 13.37 -29.03
N LEU B 59 -38.19 13.22 -30.03
CA LEU B 59 -38.13 12.02 -30.86
C LEU B 59 -36.66 11.76 -31.17
N GLY B 60 -36.25 10.49 -31.12
CA GLY B 60 -34.86 10.11 -31.43
C GLY B 60 -33.85 10.45 -30.34
N CYS B 61 -34.33 10.67 -29.12
CA CYS B 61 -33.46 11.06 -28.01
C CYS B 61 -33.28 9.99 -26.94
N ASP B 62 -33.36 8.74 -27.33
CA ASP B 62 -33.22 7.65 -26.36
C ASP B 62 -31.90 7.75 -25.58
N ALA B 63 -30.86 8.30 -26.22
CA ALA B 63 -29.54 8.36 -25.56
C ALA B 63 -29.08 9.80 -25.27
N ARG B 64 -30.02 10.74 -25.31
CA ARG B 64 -29.68 12.14 -25.04
C ARG B 64 -30.58 12.75 -23.98
N GLN B 65 -30.09 13.79 -23.32
CA GLN B 65 -30.88 14.55 -22.35
C GLN B 65 -31.61 15.70 -23.09
N VAL B 66 -32.93 15.61 -23.13
CA VAL B 66 -33.76 16.65 -23.74
C VAL B 66 -33.51 17.99 -23.02
N ALA B 67 -33.50 19.08 -23.78
CA ALA B 67 -33.20 20.40 -23.24
C ALA B 67 -33.95 21.52 -23.97
N LEU B 68 -34.17 22.61 -23.25
CA LEU B 68 -34.78 23.83 -23.80
C LEU B 68 -33.84 24.97 -23.47
N LYS B 69 -33.53 25.80 -24.46
CA LYS B 69 -32.68 26.95 -24.23
C LYS B 69 -33.44 28.24 -24.43
N ALA B 70 -33.37 29.12 -23.42
CA ALA B 70 -34.04 30.42 -23.52
C ALA B 70 -33.22 31.33 -24.40
N ASP B 71 -33.90 32.27 -25.07
CA ASP B 71 -33.21 33.27 -25.88
C ASP B 71 -32.29 34.04 -24.95
N THR B 72 -31.19 34.56 -25.47
CA THR B 72 -30.25 35.34 -24.65
C THR B 72 -30.93 36.43 -23.84
N ASP B 73 -31.91 37.09 -24.44
CA ASP B 73 -32.63 38.18 -23.77
C ASP B 73 -33.61 37.74 -22.67
N ASN B 74 -33.75 36.43 -22.44
CA ASN B 74 -34.71 35.89 -21.44
C ASN B 74 -34.06 35.25 -20.24
N PHE B 75 -32.78 35.50 -20.04
CA PHE B 75 -32.11 34.91 -18.87
C PHE B 75 -30.86 35.67 -18.48
N GLU B 76 -30.48 35.49 -17.23
CA GLU B 76 -29.27 36.07 -16.67
C GLU B 76 -29.15 35.50 -15.29
N GLN B 77 -27.93 35.21 -14.84
CA GLN B 77 -27.72 34.82 -13.45
C GLN B 77 -28.73 33.75 -13.00
N GLY B 78 -28.66 32.57 -13.64
CA GLY B 78 -29.53 31.44 -13.29
C GLY B 78 -31.04 31.74 -13.21
N LYS B 79 -31.44 32.93 -13.65
CA LYS B 79 -32.86 33.31 -13.63
C LYS B 79 -33.44 33.48 -15.03
N PHE B 80 -34.68 33.02 -15.22
CA PHE B 80 -35.40 33.15 -16.48
C PHE B 80 -36.45 34.26 -16.30
N PHE B 81 -36.76 34.98 -17.38
CA PHE B 81 -37.82 35.99 -17.34
C PHE B 81 -38.38 36.24 -18.74
N LEU B 82 -39.68 36.58 -18.81
CA LEU B 82 -40.24 37.07 -20.05
C LEU B 82 -39.70 38.49 -20.14
N ILE B 83 -39.53 39.01 -21.36
CA ILE B 83 -38.98 40.37 -21.55
C ILE B 83 -39.94 41.22 -22.38
N SER B 84 -40.04 42.51 -22.07
CA SER B 84 -40.95 43.40 -22.81
C SER B 84 -40.45 43.63 -24.23
N ASP B 85 -41.33 44.07 -25.11
CA ASP B 85 -41.00 44.32 -26.51
C ASP B 85 -39.75 45.20 -26.67
N ASN B 86 -39.59 46.20 -25.80
CA ASN B 86 -38.45 47.11 -25.88
C ASN B 86 -37.18 46.60 -25.19
N ASN B 87 -37.25 45.38 -24.67
CA ASN B 87 -36.09 44.72 -24.01
C ASN B 87 -35.76 45.22 -22.63
N ARG B 88 -36.57 46.15 -22.13
CA ARG B 88 -36.25 46.80 -20.86
C ARG B 88 -36.79 46.13 -19.60
N ASP B 89 -38.04 45.69 -19.66
CA ASP B 89 -38.71 45.21 -18.46
C ASP B 89 -38.79 43.69 -18.36
N LYS B 90 -38.49 43.18 -17.18
CA LYS B 90 -38.48 41.73 -16.92
C LYS B 90 -39.66 41.27 -16.10
N LEU B 91 -40.14 40.07 -16.40
CA LEU B 91 -41.12 39.39 -15.60
C LEU B 91 -40.53 38.03 -15.28
N TYR B 92 -39.99 37.89 -14.07
CA TYR B 92 -39.29 36.66 -13.69
C TYR B 92 -40.26 35.50 -13.57
N VAL B 93 -39.84 34.33 -14.02
CA VAL B 93 -40.69 33.14 -13.98
C VAL B 93 -39.93 31.91 -13.55
N ASN B 94 -40.69 30.88 -13.17
CA ASN B 94 -40.15 29.57 -12.88
C ASN B 94 -40.63 28.65 -13.98
N ILE B 95 -39.76 27.75 -14.39
CA ILE B 95 -40.05 26.80 -15.46
C ILE B 95 -40.05 25.43 -14.84
N ARG B 96 -41.19 24.74 -14.94
CA ARG B 96 -41.35 23.47 -14.23
C ARG B 96 -42.23 22.48 -15.01
N PRO B 97 -41.74 21.23 -15.17
CA PRO B 97 -42.53 20.22 -15.86
C PRO B 97 -43.71 19.85 -14.99
N THR B 98 -44.84 19.57 -15.61
CA THR B 98 -46.05 19.23 -14.85
C THR B 98 -45.97 17.86 -14.19
N ASP B 99 -45.08 17.00 -14.69
CA ASP B 99 -44.91 15.68 -14.09
C ASP B 99 -43.83 15.69 -13.02
N ASN B 100 -43.42 14.52 -12.55
CA ASN B 100 -42.41 14.43 -11.47
C ASN B 100 -40.97 14.33 -11.94
N SER B 101 -40.71 14.72 -13.18
CA SER B 101 -39.36 14.59 -13.72
C SER B 101 -38.40 15.64 -13.20
N ALA B 102 -37.14 15.24 -13.09
CA ALA B 102 -36.09 16.10 -12.56
C ALA B 102 -35.32 16.77 -13.68
N TRP B 103 -35.17 18.10 -13.56
CA TRP B 103 -34.41 18.89 -14.52
C TRP B 103 -33.39 19.80 -13.81
N THR B 104 -32.51 20.38 -14.61
CA THR B 104 -31.44 21.25 -14.13
C THR B 104 -31.38 22.54 -14.96
N THR B 105 -31.04 23.65 -14.31
CA THR B 105 -30.89 24.95 -14.96
C THR B 105 -29.40 25.25 -15.05
N ASP B 106 -28.93 25.55 -16.25
CA ASP B 106 -27.53 25.88 -16.46
C ASP B 106 -27.38 26.97 -17.51
N ASN B 107 -27.22 28.21 -17.04
CA ASN B 107 -26.94 29.34 -17.92
C ASN B 107 -27.90 29.44 -19.11
N GLY B 108 -29.20 29.57 -18.82
CA GLY B 108 -30.19 29.76 -19.87
C GLY B 108 -30.70 28.46 -20.46
N VAL B 109 -30.15 27.34 -20.01
CA VAL B 109 -30.58 26.04 -20.51
C VAL B 109 -31.29 25.28 -19.40
N PHE B 110 -32.46 24.75 -19.72
CA PHE B 110 -33.22 23.93 -18.79
C PHE B 110 -33.22 22.52 -19.37
N TYR B 111 -32.44 21.62 -18.75
CA TYR B 111 -32.27 20.27 -19.30
C TYR B 111 -32.70 19.15 -18.36
N LYS B 112 -33.15 18.06 -18.97
CA LYS B 112 -33.62 16.89 -18.21
C LYS B 112 -32.45 16.08 -17.65
N ASN B 113 -32.56 15.69 -16.38
CA ASN B 113 -31.49 14.95 -15.68
C ASN B 113 -31.28 13.54 -16.23
N ASP B 114 -32.27 13.03 -16.95
CA ASP B 114 -32.23 11.69 -17.52
C ASP B 114 -32.24 11.75 -19.05
N VAL B 115 -31.65 10.74 -19.69
CA VAL B 115 -31.72 10.64 -21.16
C VAL B 115 -33.13 10.14 -21.47
N GLY B 116 -33.51 10.17 -22.75
CA GLY B 116 -34.80 9.62 -23.18
C GLY B 116 -35.63 10.60 -24.01
N SER B 117 -36.48 10.06 -24.86
CA SER B 117 -37.31 10.89 -25.73
C SER B 117 -38.55 11.32 -24.98
N TRP B 118 -38.37 12.31 -24.09
CA TRP B 118 -39.46 12.82 -23.27
C TRP B 118 -40.53 13.60 -24.02
N GLY B 119 -41.78 13.38 -23.60
CA GLY B 119 -42.89 14.18 -24.05
C GLY B 119 -43.54 14.69 -22.77
N GLY B 120 -43.91 15.96 -22.74
CA GLY B 120 -44.52 16.49 -21.53
C GLY B 120 -44.87 17.95 -21.65
N ILE B 121 -45.37 18.52 -20.56
CA ILE B 121 -45.79 19.91 -20.51
C ILE B 121 -44.84 20.64 -19.59
N ILE B 122 -44.35 21.79 -20.02
CA ILE B 122 -43.50 22.64 -19.18
C ILE B 122 -44.36 23.85 -18.78
N GLY B 123 -44.57 24.06 -17.50
CA GLY B 123 -45.40 25.16 -17.07
C GLY B 123 -44.55 26.39 -16.84
N ILE B 124 -45.05 27.56 -17.26
CA ILE B 124 -44.38 28.83 -17.01
C ILE B 124 -45.19 29.57 -15.95
N TYR B 125 -44.54 29.87 -14.82
CA TYR B 125 -45.20 30.51 -13.67
C TYR B 125 -44.46 31.80 -13.24
N VAL B 126 -45.23 32.78 -12.75
CA VAL B 126 -44.64 33.98 -12.17
C VAL B 126 -43.77 33.58 -10.97
N ASP B 127 -42.53 34.06 -10.94
CA ASP B 127 -41.61 33.77 -9.82
C ASP B 127 -41.49 35.00 -8.93
N GLY B 128 -42.24 35.02 -7.83
CA GLY B 128 -42.22 36.17 -6.91
C GLY B 128 -43.28 37.20 -7.26
N GLN B 129 -43.81 37.88 -6.23
CA GLN B 129 -44.80 38.92 -6.42
C GLN B 129 -44.28 39.98 -7.37
N GLN B 130 -45.03 40.24 -8.45
CA GLN B 130 -44.60 41.23 -9.44
C GLN B 130 -45.77 42.07 -9.97
N THR B 131 -46.61 42.51 -9.05
CA THR B 131 -47.81 43.27 -9.36
C THR B 131 -47.54 44.72 -9.74
N ASN B 132 -46.26 45.11 -9.78
CA ASN B 132 -45.87 46.45 -10.25
C ASN B 132 -45.23 46.38 -11.65
N THR B 133 -45.37 45.25 -12.30
CA THR B 133 -44.84 45.08 -13.67
C THR B 133 -45.49 46.11 -14.60
N PRO B 134 -44.69 46.82 -15.39
CA PRO B 134 -45.24 47.83 -16.32
C PRO B 134 -46.10 47.16 -17.38
N PRO B 135 -47.21 47.81 -17.72
CA PRO B 135 -48.05 47.29 -18.80
C PRO B 135 -47.22 47.24 -20.08
N GLY B 136 -47.34 46.14 -20.81
CA GLY B 136 -46.60 45.97 -22.07
C GLY B 136 -46.77 44.55 -22.56
N ASN B 137 -46.10 44.22 -23.68
CA ASN B 137 -46.11 42.85 -24.21
C ASN B 137 -44.80 42.16 -23.83
N TYR B 138 -44.92 41.00 -23.21
CA TYR B 138 -43.78 40.26 -22.69
C TYR B 138 -43.66 38.91 -23.40
N THR B 139 -42.43 38.47 -23.64
CA THR B 139 -42.20 37.24 -24.38
C THR B 139 -41.08 36.41 -23.78
N LEU B 140 -41.27 35.08 -23.79
CA LEU B 140 -40.21 34.13 -23.40
C LEU B 140 -40.09 33.16 -24.58
N THR B 141 -38.89 33.00 -25.11
CA THR B 141 -38.67 32.11 -26.26
C THR B 141 -37.80 30.91 -25.86
N LEU B 142 -38.30 29.70 -26.13
CA LEU B 142 -37.59 28.48 -25.76
C LEU B 142 -37.36 27.61 -26.99
N THR B 143 -36.11 27.21 -27.21
CA THR B 143 -35.75 26.40 -28.37
C THR B 143 -35.37 24.99 -27.92
N GLY B 144 -35.85 23.99 -28.64
CA GLY B 144 -35.59 22.59 -28.28
C GLY B 144 -34.22 22.15 -28.73
N GLY B 145 -33.66 21.20 -27.99
CA GLY B 145 -32.37 20.65 -28.34
C GLY B 145 -32.00 19.62 -27.29
N TYR B 146 -30.71 19.36 -27.18
CA TYR B 146 -30.23 18.40 -26.18
C TYR B 146 -28.93 18.82 -25.51
N TRP B 147 -28.71 18.29 -24.31
CA TRP B 147 -27.56 18.60 -23.48
C TRP B 147 -26.46 17.56 -23.64
N ALA B 148 -25.22 18.02 -23.68
CA ALA B 148 -24.07 17.12 -23.79
C ALA B 148 -22.80 17.81 -23.34
N GLY C 10 -44.47 47.95 -0.93
CA GLY C 10 -43.69 46.99 -0.15
C GLY C 10 -43.58 47.38 1.32
N SER C 11 -44.71 47.78 1.92
CA SER C 11 -44.71 48.17 3.33
C SER C 11 -45.88 47.57 4.14
N PHE C 12 -45.59 47.24 5.39
CA PHE C 12 -46.58 46.70 6.31
C PHE C 12 -47.26 47.82 7.07
N THR C 13 -48.58 47.72 7.19
CA THR C 13 -49.34 48.65 8.02
C THR C 13 -49.87 47.86 9.19
N PRO C 14 -49.43 48.19 10.40
CA PRO C 14 -49.95 47.54 11.59
C PRO C 14 -51.43 47.84 11.74
N SER C 15 -52.25 46.78 11.87
CA SER C 15 -53.69 46.95 12.03
C SER C 15 -54.29 45.62 12.45
N GLY C 16 -54.32 45.38 13.77
CA GLY C 16 -54.83 44.11 14.28
C GLY C 16 -54.24 43.85 15.65
N THR C 17 -54.32 42.60 16.09
CA THR C 17 -53.84 42.25 17.40
C THR C 17 -52.60 41.38 17.31
N THR C 18 -52.04 41.01 18.45
CA THR C 18 -50.77 40.29 18.52
C THR C 18 -50.86 38.89 19.10
N GLY C 19 -50.29 37.93 18.37
CA GLY C 19 -50.22 36.55 18.82
C GLY C 19 -48.82 36.27 19.31
N THR C 20 -48.70 35.68 20.49
CA THR C 20 -47.40 35.41 21.07
C THR C 20 -47.21 33.91 21.20
N THR C 21 -46.25 33.36 20.47
CA THR C 21 -45.94 31.95 20.55
C THR C 21 -44.80 31.75 21.55
N LYS C 22 -45.08 30.92 22.56
CA LYS C 22 -44.13 30.70 23.65
C LYS C 22 -43.75 29.25 23.77
N LEU C 23 -42.48 29.00 24.04
CA LEU C 23 -41.99 27.64 24.22
C LEU C 23 -40.91 27.63 25.25
N THR C 24 -41.05 26.75 26.24
CA THR C 24 -39.97 26.55 27.19
C THR C 24 -39.22 25.28 26.79
N VAL C 25 -37.91 25.43 26.56
CA VAL C 25 -37.04 24.30 26.18
C VAL C 25 -36.32 23.81 27.43
N THR C 26 -36.32 22.49 27.62
CA THR C 26 -35.71 21.89 28.80
C THR C 26 -34.80 20.73 28.39
N GLU C 27 -34.17 20.12 29.40
CA GLU C 27 -33.39 18.91 29.17
C GLU C 27 -34.34 17.74 29.42
N LYS C 28 -33.81 16.52 29.37
CA LYS C 28 -34.61 15.32 29.58
C LYS C 28 -35.23 15.28 30.98
N CYS C 29 -34.46 15.67 31.99
CA CYS C 29 -35.03 15.80 33.33
C CYS C 29 -35.67 17.17 33.32
N GLN C 30 -36.99 17.17 33.32
CA GLN C 30 -37.79 18.37 33.08
C GLN C 30 -38.70 18.62 34.29
N VAL C 31 -38.62 19.80 34.89
CA VAL C 31 -39.40 20.09 36.09
C VAL C 31 -40.41 21.21 35.90
N ARG C 32 -41.66 20.81 35.69
CA ARG C 32 -42.74 21.73 35.40
C ARG C 32 -43.30 22.31 36.69
N VAL C 33 -43.23 23.64 36.80
CA VAL C 33 -43.66 24.36 37.99
C VAL C 33 -44.82 25.29 37.67
N GLY C 34 -45.90 25.16 38.44
CA GLY C 34 -47.11 25.94 38.21
C GLY C 34 -47.94 25.39 37.05
N ASP C 35 -48.79 26.26 36.51
CA ASP C 35 -49.72 25.89 35.44
C ASP C 35 -49.06 25.37 34.18
N LEU C 36 -49.82 24.56 33.45
CA LEU C 36 -49.35 24.00 32.20
C LEU C 36 -48.96 25.10 31.20
N THR C 37 -47.80 24.94 30.58
CA THR C 37 -47.39 25.80 29.47
C THR C 37 -46.79 24.88 28.41
N VAL C 38 -46.52 25.42 27.23
CA VAL C 38 -45.90 24.61 26.16
C VAL C 38 -44.42 24.41 26.45
N ALA C 39 -44.02 23.17 26.68
CA ALA C 39 -42.62 22.87 26.99
C ALA C 39 -42.15 21.64 26.23
N LYS C 40 -40.92 21.67 25.75
CA LYS C 40 -40.34 20.52 25.05
C LYS C 40 -38.93 20.32 25.54
N THR C 41 -38.43 19.10 25.45
CA THR C 41 -37.02 18.87 25.75
C THR C 41 -36.29 19.24 24.46
N ARG C 42 -35.02 19.61 24.56
CA ARG C 42 -34.28 19.98 23.33
C ARG C 42 -34.23 18.83 22.32
N GLY C 43 -34.30 17.60 22.80
CA GLY C 43 -34.31 16.44 21.90
C GLY C 43 -35.52 16.45 20.93
N GLN C 44 -36.61 17.08 21.35
CA GLN C 44 -37.83 17.11 20.55
C GLN C 44 -37.78 18.18 19.45
N LEU C 45 -36.74 19.01 19.48
CA LEU C 45 -36.61 20.09 18.52
C LEU C 45 -35.97 19.59 17.22
N THR C 46 -36.62 18.62 16.60
CA THR C 46 -36.17 18.04 15.35
C THR C 46 -36.73 18.83 14.17
N ASP C 47 -36.15 18.64 12.98
CA ASP C 47 -36.65 19.33 11.81
C ASP C 47 -38.13 19.09 11.55
N ALA C 48 -38.86 20.16 11.26
CA ALA C 48 -40.31 20.10 10.97
C ALA C 48 -41.21 19.84 12.19
N ALA C 49 -40.62 19.80 13.37
CA ALA C 49 -41.41 19.60 14.59
C ALA C 49 -42.37 20.78 14.80
N PRO C 50 -43.65 20.48 15.05
CA PRO C 50 -44.62 21.54 15.27
C PRO C 50 -44.44 22.19 16.65
N ILE C 51 -44.46 23.51 16.69
CA ILE C 51 -44.38 24.20 17.98
C ILE C 51 -45.81 24.56 18.44
N GLY C 52 -46.62 25.05 17.51
CA GLY C 52 -48.02 25.31 17.81
C GLY C 52 -48.71 26.15 16.75
N PRO C 53 -50.03 26.24 16.85
CA PRO C 53 -50.81 27.00 15.88
C PRO C 53 -50.97 28.45 16.29
N VAL C 54 -51.21 29.30 15.30
CA VAL C 54 -51.53 30.71 15.54
C VAL C 54 -52.78 31.03 14.73
N THR C 55 -53.85 31.40 15.42
CA THR C 55 -55.10 31.72 14.72
C THR C 55 -55.03 33.10 14.12
N VAL C 56 -55.66 33.26 12.96
CA VAL C 56 -55.73 34.52 12.27
C VAL C 56 -57.14 34.68 11.76
N GLN C 57 -57.72 35.84 12.07
CA GLN C 57 -59.07 36.17 11.64
C GLN C 57 -59.07 37.61 11.16
N ALA C 58 -59.15 37.79 9.84
CA ALA C 58 -59.19 39.11 9.25
C ALA C 58 -60.64 39.57 8.97
N LEU C 59 -60.91 40.84 9.22
CA LEU C 59 -62.21 41.47 8.94
C LEU C 59 -61.94 42.79 8.21
N GLY C 60 -62.79 43.12 7.25
CA GLY C 60 -62.71 44.38 6.52
C GLY C 60 -61.54 44.47 5.54
N CYS C 61 -60.98 43.32 5.17
CA CYS C 61 -59.81 43.30 4.28
C CYS C 61 -60.08 42.82 2.86
N ASP C 62 -61.30 43.04 2.36
CA ASP C 62 -61.65 42.58 1.01
C ASP C 62 -60.73 43.12 -0.07
N ALA C 63 -60.14 44.30 0.15
CA ALA C 63 -59.25 44.90 -0.83
C ALA C 63 -57.79 45.09 -0.35
N ARG C 64 -57.42 44.38 0.72
CA ARG C 64 -56.06 44.45 1.22
C ARG C 64 -55.51 43.05 1.38
N GLN C 65 -54.18 42.94 1.33
CA GLN C 65 -53.48 41.67 1.56
C GLN C 65 -53.17 41.50 3.06
N VAL C 66 -53.78 40.49 3.67
CA VAL C 66 -53.56 40.17 5.08
C VAL C 66 -52.07 39.86 5.36
N ALA C 67 -51.56 40.34 6.49
CA ALA C 67 -50.16 40.10 6.83
C ALA C 67 -49.90 40.02 8.33
N LEU C 68 -48.78 39.39 8.67
CA LEU C 68 -48.30 39.27 10.04
C LEU C 68 -46.85 39.74 10.04
N LYS C 69 -46.51 40.61 10.98
CA LYS C 69 -45.15 41.11 11.11
C LYS C 69 -44.53 40.59 12.41
N ALA C 70 -43.34 40.00 12.30
CA ALA C 70 -42.62 39.52 13.48
C ALA C 70 -41.94 40.69 14.16
N ASP C 71 -41.81 40.61 15.48
CA ASP C 71 -41.08 41.63 16.23
C ASP C 71 -39.68 41.68 15.65
N THR C 72 -39.03 42.84 15.77
CA THR C 72 -37.68 43.01 15.25
C THR C 72 -36.72 41.94 15.74
N ASP C 73 -36.89 41.55 16.99
CA ASP C 73 -36.00 40.56 17.62
C ASP C 73 -36.23 39.12 17.15
N ASN C 74 -37.19 38.92 16.26
CA ASN C 74 -37.58 37.57 15.81
C ASN C 74 -37.25 37.27 14.34
N PHE C 75 -36.52 38.16 13.69
CA PHE C 75 -36.16 37.91 12.30
C PHE C 75 -34.85 38.54 11.87
N GLU C 76 -34.30 38.00 10.77
CA GLU C 76 -33.08 38.49 10.14
C GLU C 76 -32.90 37.74 8.81
N GLN C 77 -32.29 38.41 7.84
CA GLN C 77 -31.91 37.78 6.55
C GLN C 77 -33.01 36.91 5.86
N GLY C 78 -34.28 37.18 6.18
CA GLY C 78 -35.36 36.41 5.58
C GLY C 78 -35.67 35.13 6.37
N LYS C 79 -35.13 35.06 7.59
CA LYS C 79 -35.38 33.92 8.49
C LYS C 79 -36.10 34.38 9.75
N PHE C 80 -37.04 33.56 10.22
CA PHE C 80 -37.81 33.85 11.45
C PHE C 80 -37.27 32.95 12.56
N PHE C 81 -37.40 33.40 13.80
CA PHE C 81 -36.96 32.59 14.93
C PHE C 81 -37.57 33.04 16.24
N LEU C 82 -37.87 32.07 17.10
CA LEU C 82 -38.26 32.37 18.46
C LEU C 82 -36.97 32.83 19.10
N ILE C 83 -37.06 33.71 20.09
CA ILE C 83 -35.89 34.23 20.77
C ILE C 83 -35.98 34.03 22.29
N SER C 84 -34.86 33.67 22.92
CA SER C 84 -34.83 33.45 24.35
C SER C 84 -35.08 34.73 25.11
N ASP C 85 -35.41 34.60 26.40
CA ASP C 85 -35.73 35.76 27.24
C ASP C 85 -34.61 36.80 27.28
N ASN C 86 -33.37 36.32 27.23
CA ASN C 86 -32.21 37.22 27.28
C ASN C 86 -31.79 37.76 25.92
N ASN C 87 -32.57 37.43 24.88
CA ASN C 87 -32.33 37.92 23.53
C ASN C 87 -31.16 37.27 22.81
N ARG C 88 -30.52 36.32 23.46
CA ARG C 88 -29.30 35.71 22.92
C ARG C 88 -29.48 34.52 21.99
N ASP C 89 -30.36 33.59 22.38
CA ASP C 89 -30.47 32.32 21.67
C ASP C 89 -31.67 32.24 20.74
N LYS C 90 -31.44 31.72 19.54
CA LYS C 90 -32.47 31.59 18.53
C LYS C 90 -32.91 30.15 18.32
N LEU C 91 -34.20 30.01 18.01
CA LEU C 91 -34.77 28.75 17.59
C LEU C 91 -35.46 29.02 16.26
N TYR C 92 -34.79 28.66 15.16
CA TYR C 92 -35.29 28.98 13.82
C TYR C 92 -36.56 28.20 13.51
N VAL C 93 -37.49 28.86 12.83
CA VAL C 93 -38.76 28.22 12.51
C VAL C 93 -39.23 28.54 11.12
N ASN C 94 -40.13 27.70 10.61
CA ASN C 94 -40.83 27.98 9.38
C ASN C 94 -42.27 28.34 9.77
N ILE C 95 -42.84 29.30 9.05
CA ILE C 95 -44.19 29.77 9.27
C ILE C 95 -45.03 29.42 8.04
N ARG C 96 -46.09 28.64 8.23
CA ARG C 96 -46.85 28.12 7.11
C ARG C 96 -48.32 27.93 7.43
N PRO C 97 -49.20 28.50 6.60
CA PRO C 97 -50.64 28.30 6.81
C PRO C 97 -50.98 26.81 6.65
N THR C 98 -52.01 26.36 7.36
CA THR C 98 -52.40 24.96 7.29
C THR C 98 -53.20 24.67 6.01
N ASP C 99 -53.76 25.70 5.40
CA ASP C 99 -54.48 25.50 4.12
C ASP C 99 -53.52 25.66 2.92
N ASN C 100 -54.09 25.68 1.72
CA ASN C 100 -53.26 25.76 0.49
C ASN C 100 -53.03 27.19 -0.01
N SER C 101 -53.28 28.19 0.84
CA SER C 101 -53.11 29.59 0.43
C SER C 101 -51.64 29.98 0.24
N ALA C 102 -51.39 30.89 -0.68
CA ALA C 102 -50.04 31.31 -1.01
C ALA C 102 -49.66 32.60 -0.28
N TRP C 103 -48.50 32.58 0.38
CA TRP C 103 -47.99 33.77 1.07
C TRP C 103 -46.55 34.09 0.65
N THR C 104 -46.08 35.27 1.01
CA THR C 104 -44.72 35.72 0.74
C THR C 104 -44.03 36.27 2.01
N THR C 105 -42.73 36.02 2.12
CA THR C 105 -41.92 36.56 3.22
C THR C 105 -41.10 37.75 2.71
N ASP C 106 -41.20 38.86 3.42
CA ASP C 106 -40.45 40.07 3.07
C ASP C 106 -39.98 40.82 4.32
N ASN C 107 -38.71 40.63 4.67
CA ASN C 107 -38.08 41.35 5.78
C ASN C 107 -38.95 41.37 7.04
N GLY C 108 -39.21 40.18 7.61
CA GLY C 108 -39.95 40.07 8.86
C GLY C 108 -41.47 40.05 8.69
N VAL C 109 -41.94 40.28 7.47
CA VAL C 109 -43.38 40.29 7.18
C VAL C 109 -43.76 39.05 6.38
N PHE C 110 -44.87 38.43 6.75
CA PHE C 110 -45.38 37.24 6.06
C PHE C 110 -46.77 37.61 5.59
N TYR C 111 -46.91 37.85 4.29
CA TYR C 111 -48.16 38.35 3.79
C TYR C 111 -48.79 37.48 2.73
N LYS C 112 -50.11 37.55 2.64
CA LYS C 112 -50.86 36.73 1.70
C LYS C 112 -50.75 37.36 0.32
N ASN C 113 -50.56 36.52 -0.70
CA ASN C 113 -50.35 37.00 -2.06
C ASN C 113 -51.59 37.70 -2.64
N ASP C 114 -52.77 37.25 -2.22
CA ASP C 114 -54.02 37.81 -2.75
C ASP C 114 -54.79 38.56 -1.68
N VAL C 115 -55.54 39.57 -2.10
CA VAL C 115 -56.37 40.36 -1.18
C VAL C 115 -57.52 39.49 -0.67
N GLY C 116 -58.17 39.94 0.41
CA GLY C 116 -59.30 39.19 0.95
C GLY C 116 -59.21 39.07 2.47
N SER C 117 -60.38 39.00 3.10
CA SER C 117 -60.45 38.87 4.55
C SER C 117 -60.26 37.40 4.95
N TRP C 118 -59.01 36.97 4.91
CA TRP C 118 -58.65 35.58 5.24
C TRP C 118 -58.81 35.23 6.73
N GLY C 119 -59.25 34.00 6.97
CA GLY C 119 -59.26 33.42 8.31
C GLY C 119 -58.55 32.07 8.16
N GLY C 120 -57.71 31.74 9.11
CA GLY C 120 -57.00 30.47 9.02
C GLY C 120 -56.02 30.26 10.16
N ILE C 121 -55.29 29.16 10.07
CA ILE C 121 -54.32 28.81 11.09
C ILE C 121 -52.95 28.93 10.47
N ILE C 122 -52.05 29.54 11.20
CA ILE C 122 -50.66 29.61 10.77
C ILE C 122 -49.87 28.70 11.69
N GLY C 123 -49.24 27.67 11.12
CA GLY C 123 -48.44 26.74 11.91
C GLY C 123 -47.00 27.22 12.05
N ILE C 124 -46.44 27.02 13.24
CA ILE C 124 -45.05 27.37 13.56
C ILE C 124 -44.31 26.03 13.76
N TYR C 125 -43.27 25.80 12.97
CA TYR C 125 -42.54 24.54 12.99
C TYR C 125 -41.04 24.81 13.13
N VAL C 126 -40.34 23.87 13.76
CA VAL C 126 -38.89 23.96 13.88
C VAL C 126 -38.27 23.83 12.49
N ASP C 127 -37.36 24.74 12.16
CA ASP C 127 -36.69 24.76 10.86
C ASP C 127 -35.26 24.26 11.00
N GLY C 128 -35.03 23.00 10.71
CA GLY C 128 -33.70 22.41 10.83
C GLY C 128 -33.49 21.85 12.22
N GLN C 129 -32.61 20.86 12.33
CA GLN C 129 -32.33 20.23 13.61
C GLN C 129 -31.70 21.19 14.60
N GLN C 130 -32.31 21.31 15.77
CA GLN C 130 -31.82 22.25 16.75
C GLN C 130 -31.91 21.63 18.13
N THR C 131 -31.53 20.35 18.22
CA THR C 131 -31.60 19.60 19.47
C THR C 131 -30.54 20.03 20.50
N ASN C 132 -29.70 20.99 20.13
CA ASN C 132 -28.68 21.53 21.05
C ASN C 132 -29.10 22.91 21.58
N THR C 133 -30.36 23.29 21.32
CA THR C 133 -30.88 24.55 21.80
C THR C 133 -30.78 24.63 23.32
N PRO C 134 -30.22 25.73 23.83
CA PRO C 134 -30.06 25.88 25.28
C PRO C 134 -31.43 25.96 25.97
N PRO C 135 -31.56 25.29 27.12
CA PRO C 135 -32.80 25.36 27.89
C PRO C 135 -33.10 26.80 28.25
N GLY C 136 -34.35 27.20 28.10
CA GLY C 136 -34.77 28.57 28.38
C GLY C 136 -36.17 28.80 27.85
N ASN C 137 -36.66 30.04 27.98
CA ASN C 137 -37.98 30.43 27.50
C ASN C 137 -37.84 31.17 26.18
N TYR C 138 -38.57 30.70 25.17
CA TYR C 138 -38.46 31.25 23.81
C TYR C 138 -39.78 31.81 23.36
N THR C 139 -39.74 32.93 22.62
CA THR C 139 -40.96 33.61 22.21
C THR C 139 -40.86 34.10 20.76
N LEU C 140 -41.98 34.08 20.07
CA LEU C 140 -42.12 34.63 18.72
C LEU C 140 -43.39 35.49 18.76
N THR C 141 -43.25 36.77 18.44
CA THR C 141 -44.37 37.69 18.47
C THR C 141 -44.79 38.12 17.07
N LEU C 142 -46.05 37.92 16.73
CA LEU C 142 -46.57 38.28 15.40
C LEU C 142 -47.73 39.25 15.52
N THR C 143 -47.66 40.36 14.77
CA THR C 143 -48.69 41.39 14.83
C THR C 143 -49.47 41.42 13.54
N GLY C 144 -50.79 41.56 13.66
CA GLY C 144 -51.67 41.56 12.48
C GLY C 144 -51.66 42.94 11.82
N GLY C 145 -51.84 42.94 10.50
CA GLY C 145 -51.91 44.16 9.72
C GLY C 145 -52.07 43.78 8.24
N TYR C 146 -51.70 44.68 7.35
CA TYR C 146 -51.81 44.40 5.92
C TYR C 146 -50.62 44.93 5.12
N TRP C 147 -50.34 44.29 3.98
CA TRP C 147 -49.19 44.63 3.16
C TRP C 147 -49.57 45.37 1.88
N ALA C 148 -48.57 45.97 1.24
CA ALA C 148 -48.76 46.71 -0.01
C ALA C 148 -47.65 46.39 -1.01
N GLY D 10 20.40 -16.77 20.67
CA GLY D 10 19.51 -17.51 19.78
C GLY D 10 18.44 -16.59 19.22
N SER D 11 18.56 -15.28 19.46
CA SER D 11 17.56 -14.33 18.97
C SER D 11 18.04 -12.91 18.63
N PHE D 12 17.44 -12.35 17.60
CA PHE D 12 17.75 -11.01 17.16
C PHE D 12 16.81 -10.02 17.83
N THR D 13 17.38 -8.94 18.35
CA THR D 13 16.61 -7.86 18.92
C THR D 13 16.82 -6.62 18.04
N PRO D 14 15.75 -6.14 17.41
CA PRO D 14 15.87 -4.93 16.59
C PRO D 14 16.24 -3.75 17.49
N SER D 15 17.30 -3.04 17.12
CA SER D 15 17.78 -1.90 17.91
C SER D 15 18.81 -1.13 17.09
N GLY D 16 18.33 -0.32 16.16
CA GLY D 16 19.23 0.38 15.26
C GLY D 16 18.46 0.90 14.06
N THR D 17 19.18 1.40 13.07
CA THR D 17 18.55 1.92 11.90
C THR D 17 18.67 0.96 10.72
N THR D 18 18.09 1.36 9.59
CA THR D 18 18.03 0.49 8.44
C THR D 18 18.87 1.00 7.25
N GLY D 19 19.64 0.09 6.67
CA GLY D 19 20.43 0.38 5.48
C GLY D 19 19.76 -0.34 4.33
N THR D 20 19.54 0.37 3.23
CA THR D 20 18.86 -0.20 2.08
C THR D 20 19.80 -0.17 0.88
N THR D 21 20.15 -1.36 0.40
CA THR D 21 21.02 -1.50 -0.76
C THR D 21 20.14 -1.65 -1.99
N LYS D 22 20.32 -0.73 -2.93
CA LYS D 22 19.49 -0.73 -4.15
C LYS D 22 20.35 -0.86 -5.38
N LEU D 23 19.83 -1.61 -6.35
CA LEU D 23 20.54 -1.79 -7.60
C LEU D 23 19.55 -1.91 -8.76
N THR D 24 19.76 -1.10 -9.78
CA THR D 24 18.95 -1.25 -10.99
C THR D 24 19.75 -2.03 -12.01
N VAL D 25 19.20 -3.17 -12.41
CA VAL D 25 19.85 -4.04 -13.39
C VAL D 25 19.24 -3.72 -14.75
N THR D 26 20.09 -3.55 -15.77
CA THR D 26 19.62 -3.19 -17.10
C THR D 26 20.25 -4.10 -18.14
N GLU D 27 19.83 -3.93 -19.39
CA GLU D 27 20.46 -4.64 -20.49
C GLU D 27 21.64 -3.75 -20.88
N LYS D 28 22.34 -4.12 -21.95
CA LYS D 28 23.49 -3.37 -22.47
C LYS D 28 23.06 -1.93 -22.86
N CYS D 29 21.94 -1.81 -23.58
CA CYS D 29 21.42 -0.48 -23.89
C CYS D 29 20.71 -0.04 -22.64
N GLN D 30 21.31 0.93 -21.96
CA GLN D 30 20.94 1.33 -20.61
C GLN D 30 20.58 2.83 -20.60
N VAL D 31 19.37 3.14 -20.12
CA VAL D 31 18.87 4.52 -20.17
C VAL D 31 18.63 5.10 -18.77
N ARG D 32 19.57 5.91 -18.32
CA ARG D 32 19.53 6.49 -16.99
C ARG D 32 18.66 7.74 -16.99
N VAL D 33 17.59 7.70 -16.20
CA VAL D 33 16.63 8.81 -16.13
C VAL D 33 16.69 9.45 -14.74
N GLY D 34 16.80 10.77 -14.70
CA GLY D 34 16.91 11.50 -13.44
C GLY D 34 18.29 11.33 -12.75
N ASP D 35 18.30 11.61 -11.46
CA ASP D 35 19.53 11.57 -10.67
C ASP D 35 20.26 10.23 -10.68
N LEU D 36 21.57 10.32 -10.49
CA LEU D 36 22.43 9.14 -10.44
C LEU D 36 21.95 8.18 -9.37
N THR D 37 21.91 6.90 -9.73
CA THR D 37 21.61 5.82 -8.79
C THR D 37 22.55 4.69 -9.17
N VAL D 38 22.67 3.68 -8.30
CA VAL D 38 23.51 2.50 -8.61
C VAL D 38 22.82 1.64 -9.65
N ALA D 39 23.46 1.51 -10.82
CA ALA D 39 22.91 0.75 -11.94
C ALA D 39 24.00 -0.08 -12.60
N LYS D 40 23.64 -1.28 -13.04
CA LYS D 40 24.58 -2.19 -13.71
C LYS D 40 23.88 -2.93 -14.83
N THR D 41 24.61 -3.22 -15.90
CA THR D 41 24.06 -4.08 -16.96
C THR D 41 24.10 -5.49 -16.36
N ARG D 42 23.23 -6.40 -16.83
CA ARG D 42 23.27 -7.76 -16.30
C ARG D 42 24.62 -8.43 -16.57
N GLY D 43 25.30 -7.98 -17.62
CA GLY D 43 26.61 -8.52 -17.99
C GLY D 43 27.67 -8.21 -16.93
N GLN D 44 27.40 -7.23 -16.07
CA GLN D 44 28.35 -6.87 -15.02
C GLN D 44 28.17 -7.69 -13.73
N LEU D 45 27.16 -8.54 -13.71
CA LEU D 45 26.83 -9.31 -12.51
C LEU D 45 27.58 -10.62 -12.51
N THR D 46 28.90 -10.51 -12.51
CA THR D 46 29.78 -11.66 -12.50
C THR D 46 30.06 -12.03 -11.04
N ASP D 47 30.60 -13.23 -10.84
CA ASP D 47 30.84 -13.72 -9.49
C ASP D 47 31.79 -12.80 -8.69
N ALA D 48 31.37 -12.45 -7.47
CA ALA D 48 32.14 -11.59 -6.57
C ALA D 48 32.10 -10.11 -6.92
N ALA D 49 31.34 -9.76 -7.94
CA ALA D 49 31.17 -8.37 -8.32
C ALA D 49 30.61 -7.56 -7.14
N PRO D 50 31.26 -6.44 -6.82
CA PRO D 50 30.79 -5.61 -5.71
C PRO D 50 29.51 -4.86 -6.09
N ILE D 51 28.52 -4.89 -5.21
CA ILE D 51 27.31 -4.12 -5.42
C ILE D 51 27.42 -2.78 -4.68
N GLY D 52 27.83 -2.82 -3.42
CA GLY D 52 28.05 -1.60 -2.66
C GLY D 52 28.36 -1.89 -1.21
N PRO D 53 28.88 -0.89 -0.50
CA PRO D 53 29.21 -1.03 0.90
C PRO D 53 28.00 -0.64 1.76
N VAL D 54 27.95 -1.19 2.97
CA VAL D 54 26.92 -0.84 3.92
C VAL D 54 27.64 -0.47 5.21
N THR D 55 27.53 0.78 5.62
CA THR D 55 28.23 1.21 6.84
C THR D 55 27.48 0.73 8.07
N VAL D 56 28.25 0.42 9.11
CA VAL D 56 27.69 0.01 10.37
C VAL D 56 28.47 0.71 11.46
N GLN D 57 27.74 1.31 12.38
CA GLN D 57 28.33 2.00 13.53
C GLN D 57 27.53 1.67 14.77
N ALA D 58 28.09 0.82 15.64
CA ALA D 58 27.40 0.41 16.86
C ALA D 58 27.85 1.29 18.04
N LEU D 59 26.92 1.52 18.98
CA LEU D 59 27.18 2.28 20.19
C LEU D 59 26.46 1.59 21.34
N GLY D 60 27.15 1.44 22.47
CA GLY D 60 26.56 0.87 23.68
C GLY D 60 26.39 -0.63 23.63
N CYS D 61 27.22 -1.27 22.79
CA CYS D 61 27.17 -2.70 22.62
C CYS D 61 28.43 -3.40 23.15
N ASP D 62 29.00 -2.90 24.25
CA ASP D 62 30.19 -3.54 24.80
C ASP D 62 29.93 -4.97 25.26
N ALA D 63 28.69 -5.28 25.59
CA ALA D 63 28.34 -6.61 26.07
C ALA D 63 27.31 -7.34 25.19
N ARG D 64 27.17 -6.90 23.94
CA ARG D 64 26.24 -7.54 23.02
C ARG D 64 26.91 -7.78 21.69
N GLN D 65 26.35 -8.73 20.92
CA GLN D 65 26.85 -9.06 19.61
C GLN D 65 26.08 -8.27 18.56
N VAL D 66 26.78 -7.37 17.89
CA VAL D 66 26.19 -6.54 16.83
C VAL D 66 25.60 -7.43 15.72
N ALA D 67 24.44 -7.06 15.21
CA ALA D 67 23.80 -7.88 14.19
C ALA D 67 22.97 -7.09 13.19
N LEU D 68 22.82 -7.68 12.00
CA LEU D 68 22.00 -7.12 10.93
C LEU D 68 20.99 -8.18 10.54
N LYS D 69 19.74 -7.77 10.45
CA LYS D 69 18.69 -8.69 10.05
C LYS D 69 18.15 -8.26 8.70
N ALA D 70 18.07 -9.23 7.79
CA ALA D 70 17.54 -8.96 6.44
C ALA D 70 16.03 -9.06 6.43
N ASP D 71 15.38 -8.23 5.62
CA ASP D 71 13.93 -8.33 5.48
C ASP D 71 13.57 -9.76 5.08
N THR D 72 12.36 -10.19 5.46
CA THR D 72 11.91 -11.55 5.17
C THR D 72 12.03 -11.89 3.68
N ASP D 73 11.81 -10.91 2.83
CA ASP D 73 11.82 -11.15 1.38
C ASP D 73 13.24 -11.28 0.79
N ASN D 74 14.25 -11.13 1.64
CA ASN D 74 15.66 -11.11 1.21
C ASN D 74 16.47 -12.31 1.63
N PHE D 75 15.82 -13.32 2.20
CA PHE D 75 16.57 -14.50 2.59
C PHE D 75 15.74 -15.76 2.57
N GLU D 76 16.42 -16.89 2.45
CA GLU D 76 15.79 -18.21 2.44
C GLU D 76 16.91 -19.24 2.35
N GLN D 77 16.83 -20.29 3.16
CA GLN D 77 17.82 -21.36 3.06
C GLN D 77 19.26 -20.84 3.29
N GLY D 78 19.47 -20.12 4.37
CA GLY D 78 20.80 -19.60 4.72
C GLY D 78 21.42 -18.72 3.61
N LYS D 79 20.63 -18.37 2.59
CA LYS D 79 21.08 -17.52 1.48
C LYS D 79 20.43 -16.15 1.52
N PHE D 80 21.20 -15.10 1.20
CA PHE D 80 20.70 -13.74 1.12
C PHE D 80 20.57 -13.38 -0.35
N PHE D 81 19.65 -12.48 -0.68
CA PHE D 81 19.54 -12.00 -2.05
C PHE D 81 18.82 -10.66 -2.09
N LEU D 82 19.21 -9.83 -3.06
CA LEU D 82 18.43 -8.63 -3.37
C LEU D 82 17.20 -9.20 -4.09
N ILE D 83 16.07 -8.53 -3.93
CA ILE D 83 14.82 -8.96 -4.53
C ILE D 83 14.25 -7.83 -5.40
N SER D 84 13.69 -8.19 -6.55
CA SER D 84 13.09 -7.23 -7.48
C SER D 84 11.87 -6.57 -6.87
N ASP D 85 11.46 -5.43 -7.43
CA ASP D 85 10.30 -4.69 -6.93
C ASP D 85 9.04 -5.58 -6.88
N ASN D 86 8.90 -6.50 -7.83
CA ASN D 86 7.73 -7.36 -7.85
C ASN D 86 7.82 -8.62 -6.99
N ASN D 87 8.92 -8.73 -6.24
CA ASN D 87 9.14 -9.87 -5.31
C ASN D 87 9.45 -11.21 -5.99
N ARG D 88 9.60 -11.18 -7.30
CA ARG D 88 9.77 -12.41 -8.05
C ARG D 88 11.21 -12.80 -8.31
N ASP D 89 12.04 -11.83 -8.66
CA ASP D 89 13.38 -12.13 -9.09
C ASP D 89 14.48 -11.93 -8.06
N LYS D 90 15.34 -12.93 -7.90
CA LYS D 90 16.42 -12.90 -6.91
C LYS D 90 17.81 -12.61 -7.50
N LEU D 91 18.59 -11.86 -6.75
CA LEU D 91 20.00 -11.66 -7.06
C LEU D 91 20.79 -12.07 -5.83
N TYR D 92 21.29 -13.30 -5.86
CA TYR D 92 22.02 -13.87 -4.71
C TYR D 92 23.30 -13.11 -4.42
N VAL D 93 23.55 -12.85 -3.13
CA VAL D 93 24.74 -12.12 -2.77
C VAL D 93 25.42 -12.72 -1.57
N ASN D 94 26.67 -12.33 -1.38
CA ASN D 94 27.40 -12.66 -0.17
C ASN D 94 27.57 -11.37 0.59
N ILE D 95 27.45 -11.46 1.92
CA ILE D 95 27.57 -10.32 2.81
C ILE D 95 28.81 -10.58 3.64
N ARG D 96 29.77 -9.66 3.59
CA ARG D 96 31.06 -9.88 4.24
C ARG D 96 31.70 -8.57 4.74
N PRO D 97 32.10 -8.53 6.01
CA PRO D 97 32.78 -7.34 6.53
C PRO D 97 34.10 -7.20 5.83
N THR D 98 34.49 -5.96 5.56
CA THR D 98 35.75 -5.69 4.86
C THR D 98 36.97 -5.99 5.74
N ASP D 99 36.77 -6.03 7.04
CA ASP D 99 37.88 -6.33 7.93
C ASP D 99 37.98 -7.83 8.18
N ASN D 100 38.86 -8.23 9.09
CA ASN D 100 39.08 -9.64 9.38
C ASN D 100 38.18 -10.20 10.49
N SER D 101 37.05 -9.56 10.74
CA SER D 101 36.16 -9.99 11.82
C SER D 101 35.28 -11.21 11.46
N ALA D 102 35.01 -12.05 12.46
CA ALA D 102 34.23 -13.27 12.24
C ALA D 102 32.75 -13.04 12.54
N TRP D 103 31.92 -13.44 11.58
CA TRP D 103 30.47 -13.31 11.69
C TRP D 103 29.79 -14.65 11.42
N THR D 104 28.53 -14.77 11.86
CA THR D 104 27.71 -15.97 11.65
C THR D 104 26.38 -15.63 10.99
N THR D 105 25.90 -16.51 10.12
CA THR D 105 24.60 -16.34 9.48
C THR D 105 23.61 -17.29 10.12
N ASP D 106 22.48 -16.77 10.57
CA ASP D 106 21.45 -17.61 11.17
C ASP D 106 20.05 -17.15 10.78
N ASN D 107 19.45 -17.85 9.82
CA ASN D 107 18.08 -17.57 9.39
C ASN D 107 17.77 -16.10 9.14
N GLY D 108 18.49 -15.49 8.21
CA GLY D 108 18.21 -14.10 7.86
C GLY D 108 18.96 -13.09 8.73
N VAL D 109 19.65 -13.58 9.76
CA VAL D 109 20.44 -12.70 10.62
C VAL D 109 21.93 -12.94 10.38
N PHE D 110 22.69 -11.85 10.23
CA PHE D 110 24.14 -11.89 10.07
C PHE D 110 24.73 -11.18 11.30
N TYR D 111 25.30 -11.95 12.23
CA TYR D 111 25.76 -11.38 13.51
C TYR D 111 27.26 -11.59 13.78
N LYS D 112 27.85 -10.64 14.50
CA LYS D 112 29.26 -10.73 14.86
C LYS D 112 29.44 -11.81 15.92
N ASN D 113 30.50 -12.62 15.78
CA ASN D 113 30.76 -13.72 16.70
C ASN D 113 31.08 -13.20 18.11
N ASP D 114 31.74 -12.06 18.19
CA ASP D 114 32.19 -11.52 19.47
C ASP D 114 31.36 -10.28 19.85
N VAL D 115 31.24 -10.03 21.16
CA VAL D 115 30.52 -8.82 21.62
C VAL D 115 31.40 -7.62 21.31
N GLY D 116 30.83 -6.42 21.42
CA GLY D 116 31.62 -5.20 21.16
C GLY D 116 30.88 -4.19 20.28
N SER D 117 31.18 -2.91 20.49
CA SER D 117 30.55 -1.83 19.73
C SER D 117 31.32 -1.67 18.44
N TRP D 118 31.11 -2.62 17.53
CA TRP D 118 31.83 -2.65 16.25
C TRP D 118 31.43 -1.53 15.30
N GLY D 119 32.42 -1.01 14.57
CA GLY D 119 32.15 -0.06 13.49
C GLY D 119 32.87 -0.66 12.30
N GLY D 120 32.23 -0.69 11.15
CA GLY D 120 32.88 -1.28 10.00
C GLY D 120 32.06 -1.15 8.72
N ILE D 121 32.60 -1.67 7.65
CA ILE D 121 31.92 -1.68 6.38
C ILE D 121 31.49 -3.12 6.09
N ILE D 122 30.24 -3.31 5.69
CA ILE D 122 29.79 -4.62 5.26
C ILE D 122 29.68 -4.57 3.73
N GLY D 123 30.44 -5.41 3.04
CA GLY D 123 30.39 -5.41 1.57
C GLY D 123 29.32 -6.37 1.07
N ILE D 124 28.58 -5.92 0.05
CA ILE D 124 27.60 -6.77 -0.62
C ILE D 124 28.16 -7.14 -1.98
N TYR D 125 28.28 -8.43 -2.25
CA TYR D 125 28.89 -8.91 -3.51
C TYR D 125 27.99 -9.91 -4.22
N VAL D 126 28.03 -9.91 -5.54
CA VAL D 126 27.27 -10.90 -6.32
C VAL D 126 27.80 -12.29 -5.98
N ASP D 127 26.89 -13.21 -5.66
CA ASP D 127 27.29 -14.58 -5.29
C ASP D 127 26.95 -15.56 -6.42
N GLY D 128 27.93 -15.84 -7.26
CA GLY D 128 27.75 -16.68 -8.43
C GLY D 128 27.39 -15.81 -9.66
N GLN D 129 27.90 -16.19 -10.83
CA GLN D 129 27.59 -15.44 -12.04
C GLN D 129 26.08 -15.43 -12.28
N GLN D 130 25.53 -14.24 -12.43
CA GLN D 130 24.09 -14.09 -12.63
C GLN D 130 23.82 -13.07 -13.71
N THR D 131 24.54 -13.21 -14.83
CA THR D 131 24.44 -12.29 -15.96
C THR D 131 23.14 -12.44 -16.75
N ASN D 132 22.28 -13.37 -16.33
CA ASN D 132 20.98 -13.55 -16.95
C ASN D 132 19.88 -12.92 -16.09
N THR D 133 20.27 -12.14 -15.09
CA THR D 133 19.28 -11.49 -14.22
C THR D 133 18.36 -10.57 -15.03
N PRO D 134 17.05 -10.71 -14.83
CA PRO D 134 16.08 -9.87 -15.55
C PRO D 134 16.24 -8.41 -15.12
N PRO D 135 16.12 -7.48 -16.09
CA PRO D 135 16.27 -6.07 -15.76
C PRO D 135 15.16 -5.66 -14.77
N GLY D 136 15.51 -4.79 -13.83
CA GLY D 136 14.54 -4.37 -12.82
C GLY D 136 15.26 -3.65 -11.69
N ASN D 137 14.49 -3.25 -10.67
CA ASN D 137 15.02 -2.61 -9.49
C ASN D 137 15.07 -3.64 -8.37
N TYR D 138 16.26 -3.82 -7.80
CA TYR D 138 16.51 -4.83 -6.79
C TYR D 138 16.89 -4.15 -5.49
N THR D 139 16.43 -4.71 -4.37
CA THR D 139 16.67 -4.13 -3.06
C THR D 139 17.04 -5.18 -2.03
N LEU D 140 17.95 -4.82 -1.13
CA LEU D 140 18.28 -5.62 0.04
C LEU D 140 18.19 -4.67 1.24
N THR D 141 17.38 -5.04 2.22
CA THR D 141 17.18 -4.20 3.39
C THR D 141 17.73 -4.87 4.65
N LEU D 142 18.64 -4.17 5.33
CA LEU D 142 19.28 -4.71 6.54
C LEU D 142 18.99 -3.81 7.74
N THR D 143 18.48 -4.39 8.82
CA THR D 143 18.14 -3.62 10.03
C THR D 143 19.12 -3.91 11.18
N GLY D 144 19.59 -2.86 11.83
CA GLY D 144 20.55 -2.97 12.92
C GLY D 144 19.90 -3.46 14.22
N GLY D 145 20.65 -4.25 14.97
CA GLY D 145 20.20 -4.72 16.28
C GLY D 145 21.31 -5.55 16.89
N TYR D 146 20.95 -6.45 17.79
CA TYR D 146 21.96 -7.33 18.41
C TYR D 146 21.45 -8.75 18.60
N TRP D 147 22.39 -9.67 18.70
CA TRP D 147 22.11 -11.08 18.85
C TRP D 147 22.41 -11.47 20.29
N ALA D 148 21.53 -12.26 20.89
CA ALA D 148 21.76 -12.77 22.25
C ALA D 148 21.15 -14.15 22.41
N GLY E 10 40.12 -43.79 4.27
CA GLY E 10 40.76 -43.01 5.33
C GLY E 10 40.42 -43.47 6.75
N SER E 11 41.46 -43.65 7.57
CA SER E 11 41.28 -44.05 8.96
C SER E 11 42.51 -43.68 9.83
N PHE E 12 42.24 -43.28 11.05
CA PHE E 12 43.28 -42.83 11.95
C PHE E 12 44.02 -43.99 12.58
N THR E 13 45.35 -43.90 12.58
CA THR E 13 46.16 -44.93 13.20
C THR E 13 46.86 -44.27 14.39
N PRO E 14 46.50 -44.68 15.61
CA PRO E 14 47.15 -44.10 16.79
C PRO E 14 48.65 -44.43 16.77
N SER E 15 49.47 -43.39 16.87
CA SER E 15 50.91 -43.56 16.83
C SER E 15 51.59 -42.26 17.26
N GLY E 16 51.66 -42.06 18.57
CA GLY E 16 52.22 -40.85 19.11
C GLY E 16 51.76 -40.68 20.55
N THR E 17 52.03 -39.52 21.10
CA THR E 17 51.66 -39.22 22.47
C THR E 17 50.41 -38.34 22.53
N THR E 18 49.95 -38.10 23.76
CA THR E 18 48.70 -37.38 23.98
C THR E 18 48.89 -36.02 24.63
N GLY E 19 48.25 -35.01 24.05
CA GLY E 19 48.27 -33.67 24.60
C GLY E 19 46.90 -33.40 25.23
N THR E 20 46.89 -32.86 26.43
CA THR E 20 45.64 -32.56 27.12
C THR E 20 45.52 -31.06 27.36
N THR E 21 44.51 -30.45 26.77
CA THR E 21 44.24 -29.04 26.93
C THR E 21 43.19 -28.89 28.05
N LYS E 22 43.54 -28.16 29.11
CA LYS E 22 42.64 -28.04 30.28
C LYS E 22 42.36 -26.59 30.56
N LEU E 23 41.13 -26.33 30.96
CA LEU E 23 40.70 -24.99 31.28
C LEU E 23 39.68 -25.05 32.41
N THR E 24 39.91 -24.23 33.43
CA THR E 24 38.90 -24.09 34.48
C THR E 24 38.15 -22.80 34.24
N VAL E 25 36.83 -22.92 34.10
CA VAL E 25 35.93 -21.79 33.89
C VAL E 25 35.33 -21.38 35.23
N THR E 26 35.30 -20.08 35.50
CA THR E 26 34.80 -19.58 36.78
C THR E 26 33.80 -18.44 36.58
N GLU E 27 33.21 -17.97 37.68
CA GLU E 27 32.38 -16.78 37.68
C GLU E 27 33.38 -15.63 37.84
N LYS E 28 32.85 -14.40 37.91
CA LYS E 28 33.71 -13.23 38.04
C LYS E 28 34.54 -13.29 39.32
N CYS E 29 33.93 -13.69 40.44
CA CYS E 29 34.69 -13.85 41.67
C CYS E 29 35.34 -15.22 41.55
N GLN E 30 36.63 -15.19 41.30
CA GLN E 30 37.39 -16.40 40.95
C GLN E 30 38.42 -16.69 42.03
N VAL E 31 38.37 -17.91 42.56
CA VAL E 31 39.30 -18.28 43.64
C VAL E 31 40.27 -19.36 43.21
N ARG E 32 41.52 -18.95 42.99
CA ARG E 32 42.58 -19.86 42.54
C ARG E 32 43.25 -20.52 43.74
N VAL E 33 43.15 -21.84 43.80
CA VAL E 33 43.69 -22.64 44.89
C VAL E 33 44.84 -23.53 44.39
N GLY E 34 45.97 -23.47 45.07
CA GLY E 34 47.11 -24.26 44.66
C GLY E 34 47.83 -23.65 43.46
N ASP E 35 48.62 -24.49 42.79
CA ASP E 35 49.45 -24.04 41.69
C ASP E 35 48.69 -23.42 40.54
N LEU E 36 49.37 -22.57 39.82
CA LEU E 36 48.81 -21.90 38.66
C LEU E 36 48.36 -22.92 37.61
N THR E 37 47.15 -22.73 37.11
CA THR E 37 46.60 -23.53 36.01
C THR E 37 45.87 -22.55 35.10
N VAL E 38 45.45 -23.02 33.93
CA VAL E 38 44.72 -22.18 33.00
C VAL E 38 43.27 -21.99 33.44
N ALA E 39 42.90 -20.74 33.70
CA ALA E 39 41.58 -20.42 34.20
C ALA E 39 41.06 -19.14 33.57
N LYS E 40 39.76 -19.10 33.33
CA LYS E 40 39.09 -17.92 32.74
C LYS E 40 37.71 -17.79 33.33
N THR E 41 37.23 -16.56 33.45
CA THR E 41 35.87 -16.34 33.86
C THR E 41 35.03 -16.64 32.60
N ARG E 42 33.75 -16.94 32.78
CA ARG E 42 32.92 -17.24 31.63
C ARG E 42 32.73 -16.04 30.71
N GLY E 43 32.95 -14.85 31.26
CA GLY E 43 32.87 -13.62 30.49
C GLY E 43 34.05 -13.50 29.51
N GLN E 44 35.10 -14.31 29.73
CA GLN E 44 36.28 -14.28 28.85
C GLN E 44 36.16 -15.28 27.74
N LEU E 45 35.08 -16.06 27.76
CA LEU E 45 34.85 -17.09 26.75
C LEU E 45 34.21 -16.46 25.52
N THR E 46 34.90 -15.51 24.93
CA THR E 46 34.43 -14.81 23.75
C THR E 46 34.96 -15.50 22.47
N ASP E 47 34.28 -15.28 21.35
CA ASP E 47 34.68 -15.87 20.10
C ASP E 47 36.17 -15.62 19.78
N ALA E 48 36.86 -16.66 19.36
CA ALA E 48 38.28 -16.56 18.97
C ALA E 48 39.25 -16.42 20.13
N ALA E 49 38.74 -16.46 21.36
CA ALA E 49 39.62 -16.36 22.52
C ALA E 49 40.57 -17.56 22.59
N PRO E 50 41.85 -17.30 22.68
CA PRO E 50 42.83 -18.39 22.74
C PRO E 50 42.76 -19.15 24.07
N ILE E 51 42.65 -20.47 24.00
CA ILE E 51 42.63 -21.29 25.19
C ILE E 51 44.04 -21.78 25.46
N GLY E 52 44.75 -22.16 24.40
CA GLY E 52 46.14 -22.56 24.55
C GLY E 52 46.71 -23.25 23.32
N PRO E 53 48.04 -23.30 23.26
CA PRO E 53 48.71 -23.99 22.17
C PRO E 53 48.89 -25.50 22.44
N VAL E 54 48.93 -26.27 21.37
CA VAL E 54 49.22 -27.69 21.47
C VAL E 54 50.40 -27.93 20.53
N THR E 55 51.54 -28.34 21.08
CA THR E 55 52.72 -28.59 20.26
C THR E 55 52.60 -29.95 19.56
N VAL E 56 53.12 -30.01 18.35
CA VAL E 56 53.10 -31.25 17.59
C VAL E 56 54.47 -31.41 16.95
N GLN E 57 55.07 -32.59 17.15
CA GLN E 57 56.37 -32.89 16.59
C GLN E 57 56.36 -34.31 16.03
N ALA E 58 56.27 -34.42 14.71
CA ALA E 58 56.24 -35.71 14.03
C ALA E 58 57.64 -36.15 13.64
N LEU E 59 57.86 -37.46 13.64
CA LEU E 59 59.14 -38.05 13.25
C LEU E 59 58.82 -39.33 12.51
N GLY E 60 59.55 -39.58 11.42
CA GLY E 60 59.37 -40.80 10.62
C GLY E 60 58.11 -40.80 9.75
N CYS E 61 57.55 -39.60 9.48
CA CYS E 61 56.29 -39.49 8.72
C CYS E 61 56.45 -38.86 7.34
N ASP E 62 57.59 -39.07 6.70
CA ASP E 62 57.81 -38.48 5.38
C ASP E 62 56.76 -38.95 4.37
N ALA E 63 56.21 -40.14 4.59
CA ALA E 63 55.24 -40.73 3.66
C ALA E 63 53.84 -40.95 4.28
N ARG E 64 53.53 -40.22 5.35
CA ARG E 64 52.23 -40.35 5.99
C ARG E 64 51.68 -38.97 6.32
N GLN E 65 50.35 -38.88 6.47
CA GLN E 65 49.71 -37.60 6.81
C GLN E 65 49.55 -37.52 8.33
N VAL E 66 50.27 -36.59 8.95
CA VAL E 66 50.19 -36.41 10.41
C VAL E 66 48.73 -36.13 10.81
N ALA E 67 48.32 -36.65 11.96
CA ALA E 67 46.93 -36.50 12.42
C ALA E 67 46.81 -36.44 13.94
N LEU E 68 45.76 -35.78 14.41
CA LEU E 68 45.43 -35.73 15.82
C LEU E 68 43.97 -36.22 15.95
N LYS E 69 43.74 -37.13 16.87
CA LYS E 69 42.38 -37.58 17.12
C LYS E 69 41.93 -37.14 18.51
N ALA E 70 40.74 -36.56 18.57
CA ALA E 70 40.14 -36.12 19.82
C ALA E 70 39.47 -37.31 20.49
N ASP E 71 39.46 -37.33 21.81
CA ASP E 71 38.75 -38.37 22.55
C ASP E 71 37.28 -38.36 22.12
N THR E 72 36.63 -39.53 22.16
CA THR E 72 35.21 -39.64 21.79
C THR E 72 34.31 -38.58 22.46
N ASP E 73 34.62 -38.26 23.72
CA ASP E 73 33.84 -37.29 24.48
C ASP E 73 34.09 -35.82 24.11
N ASN E 74 34.98 -35.60 23.13
CA ASN E 74 35.39 -34.25 22.72
C ASN E 74 34.91 -33.84 21.33
N PHE E 75 34.11 -34.68 20.68
CA PHE E 75 33.65 -34.35 19.34
C PHE E 75 32.29 -34.89 19.00
N GLU E 76 31.64 -34.23 18.05
CA GLU E 76 30.37 -34.67 17.52
C GLU E 76 29.95 -33.80 16.34
N GLN E 77 29.49 -34.44 15.28
CA GLN E 77 28.93 -33.67 14.17
C GLN E 77 29.99 -32.69 13.65
N GLY E 78 31.16 -33.21 13.29
CA GLY E 78 32.24 -32.39 12.74
C GLY E 78 32.63 -31.21 13.65
N LYS E 79 32.21 -31.26 14.92
CA LYS E 79 32.54 -30.19 15.85
C LYS E 79 33.39 -30.73 17.01
N PHE E 80 34.35 -29.90 17.44
CA PHE E 80 35.22 -30.26 18.57
C PHE E 80 34.81 -29.40 19.77
N PHE E 81 35.03 -29.92 20.97
CA PHE E 81 34.73 -29.16 22.17
C PHE E 81 35.46 -29.71 23.41
N LEU E 82 35.84 -28.83 24.33
CA LEU E 82 36.36 -29.29 25.62
C LEU E 82 35.10 -29.80 26.34
N ILE E 83 35.27 -30.73 27.26
CA ILE E 83 34.13 -31.30 27.98
C ILE E 83 34.36 -31.19 29.48
N SER E 84 33.31 -30.90 30.23
CA SER E 84 33.42 -30.78 31.68
C SER E 84 33.75 -32.12 32.33
N ASP E 85 34.21 -32.08 33.58
CA ASP E 85 34.61 -33.28 34.30
C ASP E 85 33.44 -34.27 34.39
N ASN E 86 32.21 -33.76 34.47
CA ASN E 86 31.02 -34.62 34.58
C ASN E 86 30.46 -35.11 33.24
N ASN E 87 31.14 -34.74 32.16
CA ASN E 87 30.78 -35.15 30.79
C ASN E 87 29.55 -34.47 30.25
N ARG E 88 29.05 -33.49 30.97
CA ARG E 88 27.81 -32.86 30.61
C ARG E 88 27.91 -31.62 29.76
N ASP E 89 28.86 -30.74 30.10
CA ASP E 89 28.95 -29.42 29.51
C ASP E 89 30.02 -29.25 28.46
N LYS E 90 29.66 -28.59 27.36
CA LYS E 90 30.54 -28.44 26.22
C LYS E 90 31.05 -27.02 26.04
N LEU E 91 32.32 -26.92 25.68
CA LEU E 91 32.88 -25.63 25.30
C LEU E 91 33.44 -25.83 23.89
N TYR E 92 32.71 -25.34 22.89
CA TYR E 92 33.08 -25.55 21.50
C TYR E 92 34.33 -24.76 21.15
N VAL E 93 35.23 -25.39 20.39
CA VAL E 93 36.47 -24.74 20.02
C VAL E 93 36.78 -24.92 18.54
N ASN E 94 37.68 -24.08 18.05
CA ASN E 94 38.23 -24.25 16.73
C ASN E 94 39.67 -24.68 16.89
N ILE E 95 40.09 -25.62 16.08
CA ILE E 95 41.44 -26.15 16.13
C ILE E 95 42.14 -25.72 14.83
N ARG E 96 43.24 -24.98 14.96
CA ARG E 96 43.88 -24.41 13.77
C ARG E 96 45.39 -24.31 13.94
N PRO E 97 46.14 -24.81 12.96
CA PRO E 97 47.59 -24.69 13.01
C PRO E 97 47.95 -23.22 12.87
N THR E 98 48.98 -22.80 13.57
CA THR E 98 49.37 -21.40 13.54
C THR E 98 50.01 -21.01 12.20
N ASP E 99 50.52 -21.99 11.48
CA ASP E 99 51.11 -21.70 10.18
C ASP E 99 50.06 -21.75 9.09
N ASN E 100 50.51 -21.73 7.84
CA ASN E 100 49.60 -21.69 6.69
C ASN E 100 49.30 -23.08 6.12
N SER E 101 49.51 -24.13 6.91
CA SER E 101 49.30 -25.49 6.43
C SER E 101 47.83 -25.87 6.34
N ALA E 102 47.53 -26.74 5.39
CA ALA E 102 46.15 -27.18 5.11
C ALA E 102 45.81 -28.51 5.78
N TRP E 103 44.70 -28.52 6.53
CA TRP E 103 44.27 -29.72 7.26
C TRP E 103 42.81 -30.00 6.96
N THR E 104 42.36 -31.19 7.35
CA THR E 104 40.98 -31.62 7.14
C THR E 104 40.42 -32.27 8.40
N THR E 105 39.14 -32.06 8.66
CA THR E 105 38.48 -32.65 9.83
C THR E 105 37.60 -33.78 9.35
N ASP E 106 37.74 -34.95 9.99
CA ASP E 106 36.93 -36.10 9.63
C ASP E 106 36.55 -36.93 10.86
N ASN E 107 35.34 -36.71 11.35
CA ASN E 107 34.79 -37.48 12.48
C ASN E 107 35.75 -37.57 13.67
N GLY E 108 36.09 -36.43 14.24
CA GLY E 108 36.94 -36.42 15.45
C GLY E 108 38.44 -36.47 15.14
N VAL E 109 38.80 -36.57 13.85
CA VAL E 109 40.19 -36.60 13.45
C VAL E 109 40.56 -35.33 12.70
N PHE E 110 41.69 -34.71 13.06
CA PHE E 110 42.14 -33.48 12.44
C PHE E 110 43.48 -33.81 11.79
N TYR E 111 43.48 -33.98 10.46
CA TYR E 111 44.65 -34.48 9.76
C TYR E 111 45.21 -33.55 8.68
N LYS E 112 46.52 -33.63 8.46
CA LYS E 112 47.19 -32.79 7.49
C LYS E 112 46.95 -33.27 6.07
N ASN E 113 46.68 -32.34 5.15
CA ASN E 113 46.37 -32.69 3.76
C ASN E 113 47.57 -33.30 3.01
N ASP E 114 48.77 -32.98 3.46
CA ASP E 114 50.01 -33.46 2.83
C ASP E 114 50.72 -34.48 3.73
N VAL E 115 51.55 -35.32 3.13
CA VAL E 115 52.38 -36.21 3.91
C VAL E 115 53.51 -35.34 4.41
N GLY E 116 54.27 -35.84 5.36
CA GLY E 116 55.43 -35.09 5.86
C GLY E 116 55.55 -35.15 7.39
N SER E 117 56.79 -35.05 7.88
CA SER E 117 57.06 -35.07 9.31
C SER E 117 56.93 -33.64 9.83
N TRP E 118 55.68 -33.19 9.94
CA TRP E 118 55.39 -31.82 10.35
C TRP E 118 55.69 -31.57 11.84
N GLY E 119 56.18 -30.36 12.12
CA GLY E 119 56.32 -29.87 13.48
C GLY E 119 55.60 -28.53 13.47
N GLY E 120 54.85 -28.25 14.53
CA GLY E 120 54.09 -27.01 14.54
C GLY E 120 53.24 -26.83 15.78
N ILE E 121 52.50 -25.73 15.81
CA ILE E 121 51.62 -25.42 16.93
C ILE E 121 50.17 -25.47 16.43
N ILE E 122 49.32 -26.19 17.16
CA ILE E 122 47.90 -26.23 16.87
C ILE E 122 47.23 -25.37 17.93
N GLY E 123 46.65 -24.26 17.52
CA GLY E 123 46.01 -23.38 18.48
C GLY E 123 44.59 -23.85 18.76
N ILE E 124 44.19 -23.76 20.04
CA ILE E 124 42.83 -24.09 20.47
C ILE E 124 42.17 -22.77 20.84
N TYR E 125 41.05 -22.47 20.17
CA TYR E 125 40.34 -21.20 20.35
C TYR E 125 38.86 -21.40 20.64
N VAL E 126 38.27 -20.48 21.39
CA VAL E 126 36.82 -20.52 21.63
C VAL E 126 36.06 -20.28 20.31
N ASP E 127 35.14 -21.19 19.97
CA ASP E 127 34.36 -21.08 18.73
C ASP E 127 32.95 -20.58 19.04
N GLY E 128 32.75 -19.27 18.96
CA GLY E 128 31.45 -18.64 19.20
C GLY E 128 31.32 -18.17 20.66
N GLN E 129 30.42 -17.20 20.89
CA GLN E 129 30.20 -16.65 22.23
C GLN E 129 29.65 -17.71 23.16
N GLN E 130 30.36 -17.95 24.26
CA GLN E 130 29.95 -18.96 25.20
C GLN E 130 30.09 -18.48 26.64
N THR E 131 29.71 -17.22 26.84
CA THR E 131 29.88 -16.57 28.13
C THR E 131 28.87 -17.06 29.16
N ASN E 132 28.08 -18.05 28.78
CA ASN E 132 27.15 -18.67 29.70
C ASN E 132 27.59 -20.08 30.09
N THR E 133 28.84 -20.41 29.76
CA THR E 133 29.38 -21.74 30.11
C THR E 133 29.45 -21.92 31.63
N PRO E 134 28.88 -23.02 32.11
CA PRO E 134 28.87 -23.32 33.54
C PRO E 134 30.29 -23.47 34.11
N PRO E 135 30.52 -22.91 35.30
CA PRO E 135 31.85 -23.04 35.90
C PRO E 135 32.16 -24.52 36.10
N GLY E 136 33.40 -24.89 35.82
CA GLY E 136 33.80 -26.27 35.93
C GLY E 136 35.18 -26.44 35.35
N ASN E 137 35.63 -27.68 35.32
CA ASN E 137 36.94 -28.04 34.76
C ASN E 137 36.69 -28.71 33.42
N TYR E 138 37.29 -28.15 32.37
CA TYR E 138 37.05 -28.60 31.00
C TYR E 138 38.33 -29.13 30.37
N THR E 139 38.20 -30.21 29.62
CA THR E 139 39.35 -30.89 29.04
C THR E 139 39.14 -31.25 27.59
N LEU E 140 40.20 -31.07 26.78
CA LEU E 140 40.24 -31.57 25.38
C LEU E 140 41.48 -32.42 25.23
N THR E 141 41.29 -33.68 24.86
CA THR E 141 42.41 -34.61 24.73
C THR E 141 42.62 -34.99 23.29
N LEU E 142 43.85 -34.81 22.81
CA LEU E 142 44.21 -35.08 21.41
C LEU E 142 45.38 -36.07 21.36
N THR E 143 45.20 -37.17 20.63
CA THR E 143 46.24 -38.19 20.52
C THR E 143 46.90 -38.12 19.12
N GLY E 144 48.22 -38.24 19.09
CA GLY E 144 48.95 -38.17 17.83
C GLY E 144 48.92 -39.48 17.06
N GLY E 145 48.91 -39.39 15.75
CA GLY E 145 48.95 -40.57 14.88
C GLY E 145 49.00 -40.12 13.42
N TYR E 146 48.50 -40.94 12.53
CA TYR E 146 48.50 -40.61 11.13
C TYR E 146 47.27 -41.12 10.40
N TRP E 147 46.97 -40.48 9.28
CA TRP E 147 45.81 -40.81 8.46
C TRP E 147 46.22 -41.73 7.31
N ALA E 148 45.24 -42.40 6.74
CA ALA E 148 45.47 -43.31 5.62
C ALA E 148 44.21 -44.14 5.41
N GLY F 10 24.70 -21.47 -19.08
CA GLY F 10 25.89 -22.25 -18.82
C GLY F 10 26.19 -23.22 -19.97
N SER F 11 26.71 -22.67 -21.06
CA SER F 11 27.06 -23.48 -22.22
C SER F 11 28.46 -23.18 -22.73
N PHE F 12 29.20 -24.24 -23.02
CA PHE F 12 30.55 -24.12 -23.60
C PHE F 12 30.49 -24.24 -25.14
N THR F 13 31.17 -23.34 -25.84
CA THR F 13 31.28 -23.41 -27.29
C THR F 13 32.72 -23.77 -27.66
N PRO F 14 32.93 -24.99 -28.16
CA PRO F 14 34.28 -25.39 -28.54
C PRO F 14 34.80 -24.47 -29.64
N SER F 15 35.99 -23.91 -29.43
CA SER F 15 36.57 -22.98 -30.40
C SER F 15 38.03 -22.70 -30.06
N GLY F 16 38.90 -23.61 -30.46
CA GLY F 16 40.30 -23.48 -30.14
C GLY F 16 40.98 -24.83 -30.29
N THR F 17 42.16 -24.93 -29.72
CA THR F 17 42.92 -26.16 -29.83
C THR F 17 42.95 -26.89 -28.48
N THR F 18 43.54 -28.08 -28.49
CA THR F 18 43.53 -28.96 -27.33
C THR F 18 44.91 -29.12 -26.73
N GLY F 19 44.98 -29.05 -25.41
CA GLY F 19 46.21 -29.25 -24.66
C GLY F 19 46.05 -30.56 -23.87
N THR F 20 47.06 -31.42 -23.94
CA THR F 20 46.98 -32.70 -23.27
C THR F 20 48.07 -32.76 -22.21
N THR F 21 47.67 -32.88 -20.95
CA THR F 21 48.63 -32.99 -19.86
C THR F 21 48.81 -34.46 -19.55
N LYS F 22 50.05 -34.94 -19.62
CA LYS F 22 50.34 -36.36 -19.47
C LYS F 22 51.33 -36.57 -18.37
N LEU F 23 51.12 -37.63 -17.61
CA LEU F 23 52.00 -37.97 -16.52
C LEU F 23 52.08 -39.48 -16.37
N THR F 24 53.30 -40.01 -16.29
CA THR F 24 53.46 -41.43 -16.03
C THR F 24 53.88 -41.59 -14.58
N VAL F 25 53.06 -42.32 -13.82
CA VAL F 25 53.31 -42.60 -12.41
C VAL F 25 54.02 -43.95 -12.27
N THR F 26 55.02 -44.03 -11.41
CA THR F 26 55.78 -45.27 -11.25
C THR F 26 55.99 -45.60 -9.79
N GLU F 27 56.69 -46.71 -9.53
CA GLU F 27 57.08 -47.05 -8.16
C GLU F 27 58.44 -46.39 -7.96
N LYS F 28 59.07 -46.65 -6.81
CA LYS F 28 60.38 -46.07 -6.53
C LYS F 28 61.42 -46.53 -7.56
N CYS F 29 61.36 -47.80 -7.91
CA CYS F 29 62.26 -48.34 -8.95
C CYS F 29 61.57 -47.99 -10.23
N GLN F 30 62.14 -47.01 -10.92
CA GLN F 30 61.51 -46.36 -12.07
C GLN F 30 62.36 -46.58 -13.33
N VAL F 31 61.77 -47.16 -14.36
CA VAL F 31 62.55 -47.48 -15.58
C VAL F 31 62.07 -46.69 -16.78
N ARG F 32 62.86 -45.68 -17.14
CA ARG F 32 62.52 -44.76 -18.23
C ARG F 32 63.03 -45.31 -19.55
N VAL F 33 62.11 -45.58 -20.46
CA VAL F 33 62.41 -46.19 -21.74
C VAL F 33 62.10 -45.21 -22.86
N GLY F 34 63.07 -44.95 -23.73
CA GLY F 34 62.88 -44.00 -24.82
C GLY F 34 63.02 -42.55 -24.34
N ASP F 35 62.52 -41.64 -25.14
CA ASP F 35 62.65 -40.21 -24.89
C ASP F 35 62.05 -39.75 -23.57
N LEU F 36 62.58 -38.64 -23.08
CA LEU F 36 62.09 -38.01 -21.86
C LEU F 36 60.61 -37.67 -21.93
N THR F 37 59.87 -38.08 -20.90
CA THR F 37 58.47 -37.68 -20.74
C THR F 37 58.30 -37.31 -19.27
N VAL F 38 57.18 -36.69 -18.93
CA VAL F 38 56.93 -36.34 -17.53
C VAL F 38 56.59 -37.61 -16.74
N ALA F 39 57.42 -37.93 -15.76
CA ALA F 39 57.23 -39.12 -14.94
C ALA F 39 57.54 -38.81 -13.49
N LYS F 40 56.73 -39.38 -12.60
CA LYS F 40 56.92 -39.21 -11.18
C LYS F 40 56.69 -40.53 -10.48
N THR F 41 57.36 -40.74 -9.35
CA THR F 41 57.05 -41.89 -8.53
C THR F 41 55.74 -41.53 -7.80
N ARG F 42 54.98 -42.53 -7.38
CA ARG F 42 53.76 -42.25 -6.61
C ARG F 42 54.05 -41.45 -5.34
N GLY F 43 55.25 -41.63 -4.76
CA GLY F 43 55.65 -40.91 -3.55
C GLY F 43 55.77 -39.38 -3.79
N GLN F 44 55.93 -38.99 -5.05
CA GLN F 44 56.08 -37.57 -5.39
C GLN F 44 54.74 -36.91 -5.60
N LEU F 45 53.67 -37.67 -5.48
CA LEU F 45 52.33 -37.11 -5.69
C LEU F 45 51.79 -36.52 -4.41
N THR F 46 52.54 -35.59 -3.85
CA THR F 46 52.15 -34.93 -2.61
C THR F 46 51.18 -33.78 -2.91
N ASP F 47 50.47 -33.32 -1.88
CA ASP F 47 49.50 -32.23 -2.03
C ASP F 47 50.12 -30.96 -2.66
N ALA F 48 49.44 -30.45 -3.68
CA ALA F 48 49.88 -29.26 -4.41
C ALA F 48 51.11 -29.47 -5.29
N ALA F 49 51.57 -30.71 -5.43
CA ALA F 49 52.71 -30.98 -6.29
C ALA F 49 52.35 -30.54 -7.72
N PRO F 50 53.25 -29.81 -8.38
CA PRO F 50 52.97 -29.35 -9.74
C PRO F 50 53.11 -30.49 -10.75
N ILE F 51 52.13 -30.62 -11.64
CA ILE F 51 52.21 -31.64 -12.68
C ILE F 51 52.76 -31.02 -13.95
N GLY F 52 52.29 -29.83 -14.25
CA GLY F 52 52.82 -29.06 -15.38
C GLY F 52 51.92 -27.89 -15.74
N PRO F 53 52.46 -27.00 -16.56
CA PRO F 53 51.71 -25.84 -17.03
C PRO F 53 50.95 -26.16 -18.31
N VAL F 54 49.88 -25.42 -18.52
CA VAL F 54 49.11 -25.48 -19.77
C VAL F 54 49.02 -24.05 -20.28
N THR F 55 49.61 -23.78 -21.44
CA THR F 55 49.56 -22.44 -22.01
C THR F 55 48.20 -22.18 -22.64
N VAL F 56 47.75 -20.94 -22.50
CA VAL F 56 46.50 -20.50 -23.07
C VAL F 56 46.72 -19.16 -23.74
N GLN F 57 46.33 -19.07 -25.00
CA GLN F 57 46.47 -17.84 -25.77
C GLN F 57 45.18 -17.63 -26.55
N ALA F 58 44.38 -16.67 -26.11
CA ALA F 58 43.10 -16.42 -26.78
C ALA F 58 43.24 -15.25 -27.73
N LEU F 59 42.53 -15.32 -28.86
CA LEU F 59 42.52 -14.25 -29.84
C LEU F 59 41.07 -14.02 -30.26
N GLY F 60 40.68 -12.75 -30.40
CA GLY F 60 39.35 -12.37 -30.88
C GLY F 60 38.22 -12.63 -29.89
N CYS F 61 38.56 -12.64 -28.59
CA CYS F 61 37.59 -12.90 -27.52
C CYS F 61 37.30 -11.68 -26.64
N ASP F 62 37.41 -10.50 -27.21
CA ASP F 62 37.21 -9.28 -26.43
C ASP F 62 35.84 -9.22 -25.76
N ALA F 63 34.87 -9.91 -26.35
CA ALA F 63 33.49 -9.90 -25.83
C ALA F 63 33.00 -11.27 -25.39
N ARG F 64 33.91 -12.23 -25.19
CA ARG F 64 33.51 -13.56 -24.72
C ARG F 64 34.34 -13.99 -23.52
N GLN F 65 33.84 -14.95 -22.77
CA GLN F 65 34.58 -15.46 -21.62
C GLN F 65 35.39 -16.68 -22.04
N VAL F 66 36.71 -16.55 -22.04
CA VAL F 66 37.61 -17.66 -22.39
C VAL F 66 37.37 -18.84 -21.46
N ALA F 67 37.37 -20.05 -22.03
CA ALA F 67 37.09 -21.25 -21.25
C ALA F 67 37.85 -22.48 -21.76
N LEU F 68 38.04 -23.44 -20.85
CA LEU F 68 38.68 -24.73 -21.15
C LEU F 68 37.72 -25.83 -20.71
N LYS F 69 37.46 -26.77 -21.61
CA LYS F 69 36.58 -27.88 -21.28
C LYS F 69 37.39 -29.17 -21.19
N ALA F 70 37.22 -29.89 -20.08
CA ALA F 70 37.89 -31.16 -19.89
C ALA F 70 37.12 -32.29 -20.58
N ASP F 71 37.84 -33.28 -21.08
CA ASP F 71 37.21 -34.43 -21.71
C ASP F 71 36.28 -35.03 -20.67
N THR F 72 35.19 -35.66 -21.13
CA THR F 72 34.23 -36.26 -20.22
C THR F 72 34.87 -37.16 -19.18
N ASP F 73 35.86 -37.94 -19.60
CA ASP F 73 36.52 -38.90 -18.73
C ASP F 73 37.40 -38.23 -17.67
N ASN F 74 37.48 -36.90 -17.68
CA ASN F 74 38.38 -36.17 -16.78
C ASN F 74 37.70 -35.36 -15.69
N PHE F 75 36.38 -35.47 -15.58
CA PHE F 75 35.70 -34.72 -14.55
C PHE F 75 34.46 -35.39 -14.02
N GLU F 76 34.00 -34.91 -12.86
CA GLU F 76 32.80 -35.40 -12.21
C GLU F 76 32.58 -34.64 -10.91
N GLN F 77 31.33 -34.31 -10.59
CA GLN F 77 31.03 -33.77 -9.26
C GLN F 77 31.82 -32.47 -8.96
N GLY F 78 32.12 -31.71 -10.00
CA GLY F 78 32.86 -30.46 -9.82
C GLY F 78 34.36 -30.71 -9.52
N LYS F 79 34.83 -31.92 -9.83
CA LYS F 79 36.24 -32.27 -9.62
C LYS F 79 36.91 -32.64 -10.94
N PHE F 80 38.17 -32.22 -11.10
CA PHE F 80 38.96 -32.59 -12.29
C PHE F 80 39.97 -33.65 -11.89
N PHE F 81 40.35 -34.47 -12.86
CA PHE F 81 41.38 -35.48 -12.62
C PHE F 81 42.00 -35.97 -13.92
N LEU F 82 43.28 -36.33 -13.83
CA LEU F 82 43.95 -37.05 -14.89
C LEU F 82 43.39 -38.48 -14.74
N ILE F 83 43.24 -39.17 -15.85
CA ILE F 83 42.68 -40.52 -15.84
C ILE F 83 43.70 -41.47 -16.49
N SER F 84 43.81 -42.68 -15.94
CA SER F 84 44.76 -43.66 -16.47
C SER F 84 44.31 -44.14 -17.84
N ASP F 85 45.20 -44.81 -18.56
CA ASP F 85 44.92 -45.29 -19.91
C ASP F 85 43.69 -46.21 -19.97
N ASN F 86 43.48 -46.99 -18.92
CA ASN F 86 42.36 -47.94 -18.86
C ASN F 86 41.07 -47.34 -18.34
N ASN F 87 41.07 -46.02 -18.14
CA ASN F 87 39.90 -45.28 -17.68
C ASN F 87 39.47 -45.57 -16.27
N ARG F 88 40.32 -46.28 -15.53
CA ARG F 88 39.96 -46.73 -14.19
C ARG F 88 40.47 -45.90 -13.02
N ASP F 89 41.71 -45.43 -13.12
CA ASP F 89 42.32 -44.76 -11.99
C ASP F 89 42.39 -43.23 -12.14
N LYS F 90 42.03 -42.53 -11.08
CA LYS F 90 41.98 -41.07 -11.10
C LYS F 90 43.11 -40.44 -10.31
N LEU F 91 43.58 -39.32 -10.82
CA LEU F 91 44.53 -38.51 -10.10
C LEU F 91 43.94 -37.11 -10.02
N TYR F 92 43.34 -36.80 -8.88
CA TYR F 92 42.64 -35.53 -8.69
C TYR F 92 43.60 -34.35 -8.71
N VAL F 93 43.19 -33.29 -9.42
CA VAL F 93 44.04 -32.13 -9.55
C VAL F 93 43.27 -30.84 -9.37
N ASN F 94 43.99 -29.79 -9.05
CA ASN F 94 43.43 -28.46 -9.04
C ASN F 94 43.97 -27.74 -10.27
N ILE F 95 43.09 -26.99 -10.93
CA ILE F 95 43.44 -26.21 -12.10
C ILE F 95 43.38 -24.73 -11.70
N ARG F 96 44.49 -24.02 -11.87
CA ARG F 96 44.59 -22.65 -11.37
C ARG F 96 45.52 -21.80 -12.23
N PRO F 97 45.03 -20.66 -12.71
CA PRO F 97 45.88 -19.73 -13.48
C PRO F 97 47.00 -19.24 -12.56
N THR F 98 48.18 -19.03 -13.13
CA THR F 98 49.31 -18.57 -12.33
C THR F 98 49.17 -17.10 -11.93
N ASP F 99 48.32 -16.36 -12.63
CA ASP F 99 48.09 -14.96 -12.32
C ASP F 99 46.91 -14.80 -11.36
N ASN F 100 46.52 -13.56 -11.11
CA ASN F 100 45.44 -13.29 -10.14
C ASN F 100 44.04 -13.24 -10.74
N SER F 101 43.88 -13.76 -11.96
CA SER F 101 42.58 -13.72 -12.61
C SER F 101 41.59 -14.67 -11.94
N ALA F 102 40.31 -14.31 -12.01
CA ALA F 102 39.25 -15.12 -11.40
C ALA F 102 38.56 -16.05 -12.43
N TRP F 103 38.46 -17.34 -12.08
CA TRP F 103 37.81 -18.33 -12.94
C TRP F 103 36.75 -19.11 -12.15
N THR F 104 35.91 -19.82 -12.89
CA THR F 104 34.83 -20.62 -12.29
C THR F 104 34.80 -22.03 -12.88
N THR F 105 34.49 -23.01 -12.04
CA THR F 105 34.34 -24.39 -12.50
C THR F 105 32.84 -24.71 -12.63
N ASP F 106 32.45 -25.24 -13.77
CA ASP F 106 31.05 -25.59 -14.03
C ASP F 106 30.93 -26.83 -14.88
N ASN F 107 30.70 -27.97 -14.21
CA ASN F 107 30.49 -29.24 -14.90
C ASN F 107 31.52 -29.52 -15.99
N GLY F 108 32.79 -29.63 -15.61
CA GLY F 108 33.87 -29.97 -16.57
C GLY F 108 34.42 -28.77 -17.34
N VAL F 109 33.84 -27.60 -17.13
CA VAL F 109 34.30 -26.38 -17.81
C VAL F 109 34.96 -25.46 -16.79
N PHE F 110 36.12 -24.94 -17.14
CA PHE F 110 36.84 -23.98 -16.30
C PHE F 110 36.91 -22.68 -17.08
N TYR F 111 36.07 -21.71 -16.70
CA TYR F 111 35.94 -20.47 -17.47
C TYR F 111 36.32 -19.20 -16.73
N LYS F 112 36.77 -18.20 -17.49
CA LYS F 112 37.20 -16.93 -16.90
C LYS F 112 35.96 -16.09 -16.56
N ASN F 113 35.95 -15.47 -15.39
CA ASN F 113 34.78 -14.70 -14.92
C ASN F 113 34.51 -13.45 -15.76
N ASP F 114 35.54 -12.96 -16.44
CA ASP F 114 35.44 -11.72 -17.20
C ASP F 114 35.75 -11.98 -18.65
N VAL F 115 35.09 -11.24 -19.56
CA VAL F 115 35.38 -11.33 -20.99
C VAL F 115 36.76 -10.77 -21.27
N GLY F 116 37.33 -11.13 -22.41
CA GLY F 116 38.64 -10.62 -22.82
C GLY F 116 39.50 -11.71 -23.46
N SER F 117 40.40 -11.28 -24.33
CA SER F 117 41.30 -12.20 -25.02
C SER F 117 42.47 -12.51 -24.09
N TRP F 118 42.22 -13.29 -23.05
CA TRP F 118 43.25 -13.64 -22.09
C TRP F 118 44.35 -14.53 -22.67
N GLY F 119 45.57 -14.29 -22.23
CA GLY F 119 46.70 -15.20 -22.48
C GLY F 119 47.25 -15.50 -21.10
N GLY F 120 47.71 -16.71 -20.86
CA GLY F 120 48.26 -17.02 -19.56
C GLY F 120 48.63 -18.46 -19.39
N ILE F 121 49.05 -18.79 -18.19
CA ILE F 121 49.43 -20.15 -17.84
C ILE F 121 48.41 -20.70 -16.84
N ILE F 122 47.90 -21.89 -17.12
CA ILE F 122 47.02 -22.60 -16.21
C ILE F 122 47.86 -23.73 -15.64
N GLY F 123 48.08 -23.72 -14.34
CA GLY F 123 48.86 -24.77 -13.71
C GLY F 123 47.96 -25.91 -13.24
N ILE F 124 48.48 -27.13 -13.38
CA ILE F 124 47.80 -28.36 -12.97
C ILE F 124 48.59 -28.90 -11.77
N TYR F 125 47.91 -29.04 -10.62
CA TYR F 125 48.55 -29.46 -9.37
C TYR F 125 47.79 -30.62 -8.75
N VAL F 126 48.52 -31.50 -8.07
CA VAL F 126 47.91 -32.62 -7.35
C VAL F 126 47.02 -32.07 -6.23
N ASP F 127 45.79 -32.53 -6.18
CA ASP F 127 44.83 -32.05 -5.18
C ASP F 127 44.70 -33.08 -4.06
N GLY F 128 45.45 -32.85 -2.99
CA GLY F 128 45.53 -33.80 -1.88
C GLY F 128 46.59 -34.86 -2.16
N GLN F 129 47.40 -35.20 -1.16
CA GLN F 129 48.42 -36.23 -1.36
C GLN F 129 47.76 -37.50 -1.89
N GLN F 130 48.33 -38.10 -2.93
CA GLN F 130 47.77 -39.29 -3.57
C GLN F 130 48.90 -40.26 -3.87
N THR F 131 49.75 -40.48 -2.86
CA THR F 131 50.97 -41.28 -2.99
C THR F 131 50.73 -42.78 -3.18
N ASN F 132 49.45 -43.17 -3.18
CA ASN F 132 49.07 -44.57 -3.40
C ASN F 132 48.51 -44.75 -4.81
N THR F 133 48.65 -43.73 -5.65
CA THR F 133 48.16 -43.83 -7.04
C THR F 133 48.87 -44.98 -7.78
N PRO F 134 48.10 -45.84 -8.43
CA PRO F 134 48.67 -47.00 -9.14
C PRO F 134 49.56 -46.55 -10.29
N PRO F 135 50.66 -47.26 -10.50
CA PRO F 135 51.55 -46.95 -11.62
C PRO F 135 50.76 -47.07 -12.91
N GLY F 136 50.97 -46.12 -13.82
CA GLY F 136 50.27 -46.14 -15.10
C GLY F 136 50.48 -44.80 -15.83
N ASN F 137 49.85 -44.66 -17.00
CA ASN F 137 49.89 -43.41 -17.78
C ASN F 137 48.59 -42.64 -17.59
N TYR F 138 48.72 -41.41 -17.13
CA TYR F 138 47.56 -40.58 -16.80
C TYR F 138 47.51 -39.39 -17.74
N THR F 139 46.30 -38.99 -18.12
CA THR F 139 46.13 -37.88 -19.07
C THR F 139 44.99 -36.95 -18.66
N LEU F 140 45.17 -35.66 -18.92
CA LEU F 140 44.10 -34.67 -18.76
C LEU F 140 44.06 -33.88 -20.06
N THR F 141 42.91 -33.89 -20.71
CA THR F 141 42.75 -33.21 -21.99
C THR F 141 41.84 -32.02 -21.85
N LEU F 142 42.32 -30.86 -22.29
CA LEU F 142 41.56 -29.60 -22.14
C LEU F 142 41.40 -28.94 -23.50
N THR F 143 40.16 -28.65 -23.87
CA THR F 143 39.88 -28.03 -25.17
C THR F 143 39.49 -26.55 -25.02
N GLY F 144 40.05 -25.70 -25.86
CA GLY F 144 39.78 -24.25 -25.78
C GLY F 144 38.44 -23.86 -26.41
N GLY F 145 37.82 -22.84 -25.85
CA GLY F 145 36.57 -22.31 -26.38
C GLY F 145 36.11 -21.14 -25.51
N TYR F 146 34.80 -20.92 -25.46
CA TYR F 146 34.26 -19.84 -24.64
C TYR F 146 32.94 -20.24 -24.01
N TRP F 147 32.63 -19.66 -22.85
CA TRP F 147 31.46 -20.06 -22.06
C TRP F 147 30.43 -18.94 -21.95
N ALA F 148 29.18 -19.30 -21.69
CA ALA F 148 28.09 -18.32 -21.51
C ALA F 148 26.90 -18.96 -20.78
N LYS F 149 26.15 -18.16 -20.03
CA LYS F 149 25.02 -18.71 -19.28
C LYS F 149 23.68 -18.61 -20.02
#